data_5L2K
#
_entry.id   5L2K
#
_cell.length_a   174.998
_cell.length_b   174.998
_cell.length_c   170.869
_cell.angle_alpha   90.00
_cell.angle_beta   90.00
_cell.angle_gamma   120.00
#
_symmetry.space_group_name_H-M   'P 64 2 2'
#
loop_
_entity.id
_entity.type
_entity.pdbx_description
1 polymer 'T-cell surface glycoprotein CD1b'
2 polymer Beta-2-microglobulin
3 polymer 'GEM42 TCR alpha chain'
4 polymer 'GEM42 TCR beta chain'
5 non-polymer 2-acetamido-2-deoxy-beta-D-glucopyranose
6 non-polymer 'SULFATE ION'
7 non-polymer 'CHLORIDE ION'
8 non-polymer 'SODIUM ION'
9 non-polymer 'TETRACOSYL PALMITATE'
10 non-polymer 'CESIUM ION'
11 non-polymer 6-O-[(2R,3R)-3-hydroxy-2-tetradecyldocosanoyl]-alpha-L-idopyranose
12 water water
#
loop_
_entity_poly.entity_id
_entity_poly.type
_entity_poly.pdbx_seq_one_letter_code
_entity_poly.pdbx_strand_id
1 'polypeptide(L)'
;HAFQGPTSFHVIQTSSFTNSTWAQTQGSGWLDDLQIHGWDSDSGTAIFLKPWSKGNFSDKEVAELEEIFRVYIFGFAREV
QDFAGDFQMKYPFEIQGIAGCELHSGGAIVSFLRGALGGLDFLSVKNASCVPSPEGGSRAQKFCALIIQYQGIMETVRAL
LYETCPRYLLGVLNAGKADLQRQVKPEAWLSSGPSPGPGRLQLVCHVSGFYPKPVWVMWMRGEQEQQGTQLGDILPNANW
TWYLRATLDVADGEAAGLSCRVKHSSLEGQDIILYWRGSGLNDIFEAQKIEWHEHHHHHH
;
A
2 'polypeptide(L)'
;IQRTPKIQVYSRHPAENGKSNFLNCYVSGFHPSDIEVDLLKNGERIEKVEHSDLSFSKDWSFYLLYYTEFTPTEKDEYAC
RVNHVTLSQPKIVKWDRD
;
B
3 'polypeptide(L)'
;GQNIDQPTEMTATEGAIVQINCTYQTSGFNGLFWYQQHAGEAPTFLSYNVLDGLEEKGRFSSFLSRSKGYSYLLLKELQM
KDSASYLCAVRNTGGFKTIFGAGTRLFVKANIQNPDPAVYQLRDSKSSDKSVCLFTDFDSQTNVSQSKDSDVYITDKCVL
DMRSMDFKSNSAVAWSNKSDFACANAFNNSIIPEDTFFPSPESS
;
D
4 'polypeptide(L)'
;NAGVTQTPKFRVLKTGQSMTLLCAQDMNHEYMYWYRQDPGMGLRLIHYSVGEGTTAKGEVPDGYNVSRLKKQNFLLGLES
AAPSQTSVYFCASSPRLAGDEQFFGPGTRLTVLEDLKNVFPPEVAVFEPSEAEISHTQKATLVCLATGFYPDHVELSWWV
NGKEVHSGVCTDPQPLKEQPALNDSRYALSSRLRVSATFWQNPRNHFRCQVQFYGLSENDEWTQDRAKPVTQIVSAEAWG
RAD
;
E
#
# COMPACT_ATOMS: atom_id res chain seq x y z
N PHE A 3 -3.53 6.88 -37.93
CA PHE A 3 -3.99 5.50 -37.75
C PHE A 3 -5.49 5.45 -37.41
N GLN A 4 -6.16 4.35 -37.82
CA GLN A 4 -7.59 4.14 -37.56
C GLN A 4 -7.82 3.32 -36.28
N GLY A 5 -9.05 3.34 -35.79
CA GLY A 5 -9.47 2.63 -34.59
C GLY A 5 -9.47 3.48 -33.33
N PRO A 6 -9.51 2.85 -32.13
CA PRO A 6 -9.55 3.62 -30.88
C PRO A 6 -8.27 4.42 -30.59
N THR A 7 -8.42 5.55 -29.87
CA THR A 7 -7.33 6.48 -29.50
C THR A 7 -7.32 6.79 -27.99
N SER A 8 -8.23 6.16 -27.21
CA SER A 8 -8.32 6.41 -25.77
C SER A 8 -8.57 5.17 -24.94
N PHE A 9 -7.87 5.05 -23.81
CA PHE A 9 -8.06 3.99 -22.83
C PHE A 9 -8.62 4.60 -21.57
N HIS A 10 -9.59 3.93 -20.94
CA HIS A 10 -10.21 4.38 -19.70
C HIS A 10 -10.85 3.23 -18.94
N VAL A 11 -10.84 3.33 -17.60
CA VAL A 11 -11.46 2.36 -16.70
C VAL A 11 -12.73 2.98 -16.13
N ILE A 12 -13.81 2.18 -16.03
N ILE A 12 -13.81 2.18 -16.03
CA ILE A 12 -15.09 2.66 -15.50
CA ILE A 12 -15.09 2.66 -15.50
C ILE A 12 -15.42 1.94 -14.18
C ILE A 12 -15.42 1.94 -14.18
N GLN A 13 -16.10 2.65 -13.27
CA GLN A 13 -16.50 2.17 -11.95
C GLN A 13 -17.98 2.48 -11.72
N THR A 14 -18.72 1.50 -11.19
CA THR A 14 -20.14 1.65 -10.87
C THR A 14 -20.40 1.07 -9.49
N SER A 15 -20.36 1.94 -8.46
CA SER A 15 -20.60 1.52 -7.08
C SER A 15 -22.04 1.81 -6.69
N SER A 16 -22.81 0.72 -6.47
CA SER A 16 -24.22 0.76 -6.09
C SER A 16 -24.34 0.51 -4.60
N PHE A 17 -24.90 1.50 -3.88
CA PHE A 17 -25.09 1.46 -2.43
C PHE A 17 -26.57 1.27 -2.14
N THR A 18 -26.96 0.07 -1.67
CA THR A 18 -28.35 -0.26 -1.37
C THR A 18 -28.71 0.28 0.02
N ASN A 19 -27.90 -0.05 1.04
CA ASN A 19 -28.06 0.39 2.43
C ASN A 19 -26.67 0.58 3.09
N SER A 20 -26.64 0.90 4.40
CA SER A 20 -25.42 1.14 5.16
C SER A 20 -24.55 -0.12 5.36
N THR A 21 -25.01 -1.30 4.89
CA THR A 21 -24.27 -2.56 5.02
C THR A 21 -24.02 -3.23 3.67
N TRP A 22 -24.87 -2.98 2.65
CA TRP A 22 -24.73 -3.58 1.33
C TRP A 22 -24.21 -2.56 0.29
N ALA A 23 -23.16 -2.96 -0.46
CA ALA A 23 -22.55 -2.16 -1.53
C ALA A 23 -21.89 -3.08 -2.57
N GLN A 24 -22.23 -2.88 -3.87
CA GLN A 24 -21.68 -3.66 -4.99
C GLN A 24 -20.98 -2.73 -5.99
N THR A 25 -19.75 -3.08 -6.39
CA THR A 25 -18.94 -2.31 -7.34
C THR A 25 -18.73 -3.11 -8.63
N GLN A 26 -18.88 -2.42 -9.78
CA GLN A 26 -18.71 -3.01 -11.11
C GLN A 26 -17.65 -2.23 -11.90
N GLY A 27 -16.59 -2.93 -12.28
CA GLY A 27 -15.47 -2.36 -13.02
C GLY A 27 -15.21 -3.03 -14.36
N SER A 28 -14.57 -2.28 -15.28
CA SER A 28 -14.18 -2.72 -16.63
C SER A 28 -13.30 -1.69 -17.33
N GLY A 29 -12.34 -2.19 -18.11
CA GLY A 29 -11.41 -1.39 -18.89
C GLY A 29 -11.86 -1.31 -20.34
N TRP A 30 -11.78 -0.11 -20.94
CA TRP A 30 -12.25 0.11 -22.30
C TRP A 30 -11.29 0.88 -23.19
N LEU A 31 -11.35 0.59 -24.50
CA LEU A 31 -10.67 1.28 -25.59
C LEU A 31 -11.78 1.87 -26.45
N ASP A 32 -12.20 3.11 -26.10
CA ASP A 32 -13.32 3.85 -26.70
C ASP A 32 -14.64 3.09 -26.41
N ASP A 33 -15.12 2.28 -27.36
CA ASP A 33 -16.34 1.48 -27.22
C ASP A 33 -16.05 0.00 -27.05
N LEU A 34 -14.77 -0.39 -27.14
CA LEU A 34 -14.37 -1.79 -27.08
C LEU A 34 -13.82 -2.16 -25.70
N GLN A 35 -14.48 -3.12 -25.03
CA GLN A 35 -14.09 -3.61 -23.70
C GLN A 35 -12.93 -4.57 -23.82
N ILE A 36 -11.83 -4.30 -23.11
CA ILE A 36 -10.63 -5.14 -23.15
C ILE A 36 -10.36 -5.76 -21.76
N HIS A 37 -10.98 -5.20 -20.70
CA HIS A 37 -10.84 -5.71 -19.33
C HIS A 37 -12.18 -5.88 -18.65
N GLY A 38 -12.22 -6.85 -17.75
CA GLY A 38 -13.36 -7.13 -16.89
C GLY A 38 -12.87 -7.11 -15.45
N TRP A 39 -13.79 -7.00 -14.49
CA TRP A 39 -13.36 -6.99 -13.10
C TRP A 39 -14.22 -7.92 -12.28
N ASP A 40 -13.57 -8.91 -11.65
CA ASP A 40 -14.22 -9.86 -10.77
C ASP A 40 -14.22 -9.26 -9.38
N SER A 41 -15.39 -8.80 -8.91
CA SER A 41 -15.56 -8.16 -7.60
C SER A 41 -15.33 -9.16 -6.45
N ASP A 42 -15.57 -10.46 -6.71
CA ASP A 42 -15.40 -11.53 -5.74
C ASP A 42 -13.93 -11.74 -5.39
N SER A 43 -13.07 -11.94 -6.40
CA SER A 43 -11.63 -12.17 -6.22
C SER A 43 -10.82 -10.86 -6.13
N GLY A 44 -11.38 -9.76 -6.65
CA GLY A 44 -10.71 -8.47 -6.68
C GLY A 44 -9.59 -8.45 -7.69
N THR A 45 -9.78 -9.14 -8.83
CA THR A 45 -8.79 -9.26 -9.92
C THR A 45 -9.41 -8.87 -11.26
N ALA A 46 -8.55 -8.69 -12.29
CA ALA A 46 -8.96 -8.31 -13.63
C ALA A 46 -9.17 -9.52 -14.53
N ILE A 47 -10.07 -9.38 -15.52
CA ILE A 47 -10.40 -10.40 -16.51
C ILE A 47 -9.94 -9.85 -17.87
N PHE A 48 -8.86 -10.43 -18.41
CA PHE A 48 -8.27 -10.00 -19.69
C PHE A 48 -9.01 -10.67 -20.84
N LEU A 49 -9.96 -9.91 -21.43
CA LEU A 49 -10.84 -10.35 -22.51
C LEU A 49 -10.11 -10.66 -23.82
N LYS A 50 -9.08 -9.87 -24.17
CA LYS A 50 -8.29 -10.08 -25.39
C LYS A 50 -6.87 -10.58 -25.02
N PRO A 51 -6.13 -11.29 -25.93
CA PRO A 51 -4.81 -11.81 -25.53
C PRO A 51 -3.79 -10.71 -25.23
N TRP A 52 -3.95 -9.56 -25.88
CA TRP A 52 -3.09 -8.38 -25.77
C TRP A 52 -3.60 -7.35 -24.74
N SER A 53 -4.59 -7.73 -23.90
CA SER A 53 -5.17 -6.85 -22.87
C SER A 53 -4.13 -6.35 -21.86
N LYS A 54 -3.07 -7.14 -21.60
CA LYS A 54 -1.99 -6.73 -20.69
C LYS A 54 -1.09 -5.68 -21.35
N GLY A 55 -1.01 -5.74 -22.69
CA GLY A 55 -0.25 -4.86 -23.58
C GLY A 55 1.05 -4.25 -23.09
N ASN A 56 2.19 -4.91 -23.41
CA ASN A 56 3.58 -4.52 -23.12
C ASN A 56 3.89 -4.33 -21.60
N PHE A 57 2.88 -4.46 -20.72
CA PHE A 57 3.07 -4.32 -19.28
C PHE A 57 3.45 -5.65 -18.67
N SER A 58 4.38 -5.61 -17.70
CA SER A 58 4.84 -6.79 -16.96
C SER A 58 3.71 -7.34 -16.08
N ASP A 59 3.81 -8.62 -15.68
CA ASP A 59 2.81 -9.23 -14.80
C ASP A 59 2.90 -8.65 -13.39
N LYS A 60 4.10 -8.13 -13.00
CA LYS A 60 4.33 -7.48 -11.72
C LYS A 60 3.53 -6.17 -11.64
N GLU A 61 3.64 -5.31 -12.68
CA GLU A 61 2.96 -4.02 -12.78
C GLU A 61 1.45 -4.19 -12.85
N VAL A 62 0.97 -5.23 -13.56
CA VAL A 62 -0.45 -5.56 -13.66
C VAL A 62 -0.97 -5.94 -12.26
N ALA A 63 -0.21 -6.79 -11.53
CA ALA A 63 -0.51 -7.21 -10.16
C ALA A 63 -0.51 -6.00 -9.21
N GLU A 64 0.45 -5.06 -9.42
CA GLU A 64 0.57 -3.81 -8.66
C GLU A 64 -0.68 -2.95 -8.85
N LEU A 65 -1.10 -2.80 -10.12
CA LEU A 65 -2.28 -2.02 -10.51
C LEU A 65 -3.56 -2.64 -9.99
N GLU A 66 -3.71 -3.97 -10.14
CA GLU A 66 -4.86 -4.74 -9.65
C GLU A 66 -5.05 -4.55 -8.15
N GLU A 67 -3.92 -4.49 -7.40
CA GLU A 67 -3.89 -4.30 -5.96
C GLU A 67 -4.41 -2.91 -5.59
N ILE A 68 -3.94 -1.86 -6.31
CA ILE A 68 -4.35 -0.47 -6.09
C ILE A 68 -5.86 -0.37 -6.26
N PHE A 69 -6.42 -0.97 -7.35
CA PHE A 69 -7.87 -0.98 -7.59
C PHE A 69 -8.61 -1.74 -6.49
N ARG A 70 -8.10 -2.94 -6.10
CA ARG A 70 -8.65 -3.81 -5.06
C ARG A 70 -8.82 -3.05 -3.74
N VAL A 71 -7.72 -2.43 -3.26
CA VAL A 71 -7.63 -1.64 -2.03
C VAL A 71 -8.57 -0.42 -2.12
N TYR A 72 -8.62 0.26 -3.28
CA TYR A 72 -9.47 1.42 -3.49
C TYR A 72 -10.96 1.05 -3.47
N ILE A 73 -11.38 0.07 -4.31
CA ILE A 73 -12.77 -0.39 -4.44
C ILE A 73 -13.37 -0.70 -3.05
N PHE A 74 -12.67 -1.50 -2.21
CA PHE A 74 -13.15 -1.82 -0.87
C PHE A 74 -13.13 -0.59 0.05
N GLY A 75 -11.97 0.08 0.09
CA GLY A 75 -11.75 1.28 0.90
C GLY A 75 -12.76 2.38 0.67
N PHE A 76 -13.03 2.74 -0.59
CA PHE A 76 -13.98 3.77 -1.01
C PHE A 76 -15.39 3.40 -0.57
N ALA A 77 -15.85 2.17 -0.92
CA ALA A 77 -17.17 1.66 -0.56
C ALA A 77 -17.43 1.77 0.94
N ARG A 78 -16.44 1.34 1.75
CA ARG A 78 -16.47 1.37 3.21
C ARG A 78 -16.42 2.80 3.76
N GLU A 79 -15.60 3.70 3.17
CA GLU A 79 -15.47 5.09 3.63
C GLU A 79 -16.72 5.90 3.30
N VAL A 80 -17.39 5.60 2.15
CA VAL A 80 -18.62 6.28 1.72
C VAL A 80 -19.72 6.00 2.75
N GLN A 81 -19.81 4.74 3.22
CA GLN A 81 -20.78 4.29 4.23
C GLN A 81 -20.57 5.01 5.57
N ASP A 82 -19.31 5.24 5.97
CA ASP A 82 -18.96 5.94 7.21
C ASP A 82 -19.20 7.45 7.12
N PHE A 83 -19.08 8.03 5.90
CA PHE A 83 -19.25 9.48 5.65
C PHE A 83 -20.65 9.82 5.09
N ALA A 84 -21.52 8.81 4.89
CA ALA A 84 -22.88 8.98 4.35
C ALA A 84 -23.76 9.93 5.18
N GLY A 85 -23.62 9.87 6.50
CA GLY A 85 -24.37 10.71 7.43
C GLY A 85 -24.02 12.18 7.35
N ASP A 86 -22.71 12.48 7.29
CA ASP A 86 -22.18 13.84 7.21
C ASP A 86 -22.51 14.50 5.87
N PHE A 87 -22.46 13.71 4.78
CA PHE A 87 -22.71 14.19 3.43
C PHE A 87 -24.21 14.15 3.06
N GLN A 88 -25.10 13.90 4.06
CA GLN A 88 -26.56 13.85 3.95
C GLN A 88 -27.01 12.94 2.79
N MET A 89 -26.43 11.74 2.74
CA MET A 89 -26.70 10.74 1.72
C MET A 89 -27.97 9.97 2.02
N LYS A 90 -28.77 9.69 0.98
CA LYS A 90 -30.02 8.94 1.14
C LYS A 90 -29.94 7.63 0.37
N TYR A 91 -29.89 6.50 1.11
CA TYR A 91 -29.85 5.17 0.50
C TYR A 91 -31.20 4.85 -0.16
N PRO A 92 -31.24 4.31 -1.40
CA PRO A 92 -30.10 3.92 -2.25
C PRO A 92 -29.59 5.04 -3.16
N PHE A 93 -28.32 4.91 -3.59
CA PHE A 93 -27.65 5.84 -4.52
C PHE A 93 -26.54 5.12 -5.31
N GLU A 94 -26.15 5.70 -6.46
CA GLU A 94 -25.12 5.13 -7.34
C GLU A 94 -24.00 6.13 -7.63
N ILE A 95 -22.75 5.69 -7.40
CA ILE A 95 -21.56 6.50 -7.65
C ILE A 95 -20.85 5.91 -8.89
N GLN A 96 -20.61 6.78 -9.89
CA GLN A 96 -19.95 6.41 -11.14
C GLN A 96 -18.62 7.14 -11.28
N GLY A 97 -17.67 6.48 -11.93
CA GLY A 97 -16.35 7.03 -12.18
C GLY A 97 -15.76 6.61 -13.50
N ILE A 98 -15.10 7.55 -14.18
CA ILE A 98 -14.41 7.29 -15.45
C ILE A 98 -13.05 7.98 -15.38
N ALA A 99 -11.98 7.21 -15.54
CA ALA A 99 -10.61 7.69 -15.50
C ALA A 99 -9.80 7.04 -16.60
N GLY A 100 -9.04 7.84 -17.32
CA GLY A 100 -8.19 7.36 -18.40
C GLY A 100 -7.38 8.44 -19.07
N CYS A 101 -6.90 8.16 -20.29
CA CYS A 101 -6.11 9.08 -21.10
C CYS A 101 -6.36 8.83 -22.59
N GLU A 102 -6.26 9.90 -23.39
CA GLU A 102 -6.52 9.85 -24.83
C GLU A 102 -5.37 10.46 -25.62
N LEU A 103 -5.06 9.84 -26.77
CA LEU A 103 -4.01 10.27 -27.69
C LEU A 103 -4.65 11.11 -28.81
N HIS A 104 -4.29 12.40 -28.88
CA HIS A 104 -4.84 13.35 -29.86
C HIS A 104 -3.92 13.58 -31.05
N SER A 105 -4.48 14.20 -32.11
CA SER A 105 -3.72 14.56 -33.32
C SER A 105 -2.69 15.59 -32.92
N GLY A 106 -1.43 15.30 -33.24
CA GLY A 106 -0.31 16.15 -32.89
C GLY A 106 0.65 15.46 -31.95
N GLY A 107 0.18 14.42 -31.26
CA GLY A 107 0.99 13.59 -30.37
C GLY A 107 0.62 13.61 -28.91
N ALA A 108 -0.01 14.69 -28.44
CA ALA A 108 -0.39 14.89 -27.05
C ALA A 108 -1.34 13.83 -26.49
N ILE A 109 -0.98 13.31 -25.31
CA ILE A 109 -1.80 12.35 -24.54
C ILE A 109 -2.37 13.15 -23.36
N VAL A 110 -3.69 13.35 -23.35
CA VAL A 110 -4.37 14.10 -22.29
C VAL A 110 -5.14 13.13 -21.40
N SER A 111 -4.88 13.20 -20.09
CA SER A 111 -5.52 12.34 -19.08
C SER A 111 -6.76 13.02 -18.48
N PHE A 112 -7.70 12.20 -17.95
CA PHE A 112 -8.95 12.67 -17.37
C PHE A 112 -9.48 11.77 -16.25
N LEU A 113 -10.27 12.35 -15.34
CA LEU A 113 -10.96 11.68 -14.24
C LEU A 113 -12.26 12.41 -13.97
N ARG A 114 -13.39 11.69 -14.00
CA ARG A 114 -14.70 12.28 -13.77
C ARG A 114 -15.53 11.43 -12.82
N GLY A 115 -16.08 12.07 -11.80
CA GLY A 115 -16.94 11.44 -10.80
C GLY A 115 -18.40 11.84 -10.94
N ALA A 116 -19.32 10.93 -10.57
CA ALA A 116 -20.75 11.19 -10.68
C ALA A 116 -21.55 10.64 -9.51
N LEU A 117 -22.59 11.38 -9.10
CA LEU A 117 -23.54 11.00 -8.07
C LEU A 117 -24.92 11.09 -8.70
N GLY A 118 -25.62 9.96 -8.70
CA GLY A 118 -26.90 9.83 -9.38
C GLY A 118 -26.58 9.68 -10.85
N GLY A 119 -27.33 10.38 -11.69
CA GLY A 119 -27.09 10.36 -13.12
C GLY A 119 -26.33 11.59 -13.60
N LEU A 120 -26.12 12.55 -12.67
CA LEU A 120 -25.47 13.83 -12.93
C LEU A 120 -24.00 13.84 -12.51
N ASP A 121 -23.22 14.79 -13.07
CA ASP A 121 -21.80 14.99 -12.79
C ASP A 121 -21.61 15.43 -11.34
N PHE A 122 -20.47 15.05 -10.72
CA PHE A 122 -20.15 15.38 -9.34
C PHE A 122 -18.79 16.09 -9.23
N LEU A 123 -17.73 15.45 -9.74
CA LEU A 123 -16.38 16.02 -9.69
C LEU A 123 -15.58 15.67 -10.95
N SER A 124 -14.41 16.29 -11.08
CA SER A 124 -13.44 16.08 -12.15
C SER A 124 -12.05 16.42 -11.64
N VAL A 125 -11.03 15.68 -12.09
CA VAL A 125 -9.66 15.97 -11.69
C VAL A 125 -9.01 16.74 -12.82
N LYS A 126 -8.59 17.96 -12.50
CA LYS A 126 -7.90 18.88 -13.40
C LYS A 126 -6.59 19.25 -12.74
N ASN A 127 -5.46 18.87 -13.38
CA ASN A 127 -4.09 19.09 -12.93
C ASN A 127 -3.89 18.59 -11.48
N ALA A 128 -4.20 17.30 -11.25
CA ALA A 128 -4.10 16.54 -9.99
C ALA A 128 -4.81 17.25 -8.80
N SER A 129 -5.97 17.90 -9.07
CA SER A 129 -6.76 18.59 -8.06
C SER A 129 -8.25 18.33 -8.25
N CYS A 130 -9.00 18.21 -7.13
CA CYS A 130 -10.44 17.97 -7.13
C CYS A 130 -11.20 19.22 -7.55
N VAL A 131 -11.94 19.14 -8.68
CA VAL A 131 -12.73 20.25 -9.20
C VAL A 131 -14.22 19.85 -9.13
N PRO A 132 -15.00 20.46 -8.22
CA PRO A 132 -16.43 20.10 -8.10
C PRO A 132 -17.27 20.71 -9.22
N SER A 133 -18.21 19.92 -9.76
CA SER A 133 -19.12 20.35 -10.82
C SER A 133 -20.35 21.07 -10.22
N PRO A 134 -20.99 22.05 -10.95
CA PRO A 134 -22.17 22.74 -10.38
C PRO A 134 -23.34 21.83 -10.02
N GLU A 135 -23.52 20.69 -10.74
CA GLU A 135 -24.60 19.72 -10.49
C GLU A 135 -24.47 19.05 -9.12
N GLY A 136 -23.23 18.85 -8.66
CA GLY A 136 -22.93 18.26 -7.37
C GLY A 136 -23.31 19.13 -6.18
N GLY A 137 -23.23 20.44 -6.38
CA GLY A 137 -23.61 21.44 -5.38
C GLY A 137 -22.64 21.57 -4.22
N SER A 138 -23.19 21.82 -3.02
CA SER A 138 -22.44 21.99 -1.77
C SER A 138 -21.77 20.68 -1.32
N ARG A 139 -22.38 19.53 -1.67
CA ARG A 139 -21.87 18.20 -1.33
C ARG A 139 -20.55 17.94 -2.06
N ALA A 140 -20.48 18.33 -3.34
CA ALA A 140 -19.27 18.21 -4.17
C ALA A 140 -18.21 19.17 -3.67
N GLN A 141 -18.63 20.39 -3.24
CA GLN A 141 -17.77 21.41 -2.66
C GLN A 141 -17.17 20.89 -1.35
N LYS A 142 -17.99 20.18 -0.55
CA LYS A 142 -17.59 19.56 0.72
C LYS A 142 -16.63 18.39 0.48
N PHE A 143 -16.89 17.60 -0.59
CA PHE A 143 -16.08 16.44 -0.96
C PHE A 143 -14.68 16.87 -1.40
N CYS A 144 -14.59 17.82 -2.36
CA CYS A 144 -13.32 18.31 -2.88
C CYS A 144 -12.54 19.06 -1.80
N ALA A 145 -13.23 19.73 -0.86
CA ALA A 145 -12.59 20.43 0.25
C ALA A 145 -11.95 19.46 1.23
N LEU A 146 -12.47 18.21 1.28
CA LEU A 146 -11.99 17.14 2.15
C LEU A 146 -10.85 16.37 1.50
N ILE A 147 -10.96 16.02 0.20
CA ILE A 147 -9.97 15.23 -0.53
C ILE A 147 -8.66 16.02 -0.76
N ILE A 148 -8.73 17.36 -0.90
CA ILE A 148 -7.54 18.22 -1.07
C ILE A 148 -6.61 18.05 0.16
N GLN A 149 -7.20 17.78 1.35
CA GLN A 149 -6.49 17.56 2.61
C GLN A 149 -5.63 16.27 2.54
N TYR A 150 -6.09 15.25 1.78
CA TYR A 150 -5.38 13.99 1.57
C TYR A 150 -4.53 14.09 0.29
N GLN A 151 -3.37 14.77 0.37
CA GLN A 151 -2.47 15.00 -0.77
C GLN A 151 -1.97 13.70 -1.39
N GLY A 152 -1.69 12.70 -0.56
CA GLY A 152 -1.20 11.39 -1.00
C GLY A 152 -2.13 10.66 -1.93
N ILE A 153 -3.45 10.79 -1.71
CA ILE A 153 -4.48 10.17 -2.56
C ILE A 153 -4.44 10.84 -3.94
N MET A 154 -4.21 12.16 -3.95
CA MET A 154 -4.10 12.93 -5.19
C MET A 154 -2.79 12.61 -5.92
N GLU A 155 -1.77 12.15 -5.18
CA GLU A 155 -0.48 11.77 -5.76
C GLU A 155 -0.61 10.42 -6.48
N THR A 156 -1.41 9.49 -5.91
CA THR A 156 -1.70 8.19 -6.51
C THR A 156 -2.52 8.43 -7.79
N VAL A 157 -3.52 9.35 -7.74
CA VAL A 157 -4.36 9.72 -8.87
C VAL A 157 -3.48 10.32 -9.97
N ARG A 158 -2.57 11.26 -9.60
CA ARG A 158 -1.65 11.93 -10.52
C ARG A 158 -0.73 10.92 -11.21
N ALA A 159 -0.07 10.05 -10.43
CA ALA A 159 0.87 9.04 -10.92
C ALA A 159 0.21 8.07 -11.88
N LEU A 160 -1.01 7.62 -11.57
CA LEU A 160 -1.72 6.67 -12.42
C LEU A 160 -2.22 7.33 -13.71
N LEU A 161 -2.72 8.58 -13.61
CA LEU A 161 -3.27 9.28 -14.76
C LEU A 161 -2.21 9.82 -15.71
N TYR A 162 -1.24 10.58 -15.18
CA TYR A 162 -0.25 11.27 -16.00
C TYR A 162 1.07 10.49 -16.24
N GLU A 163 1.32 9.38 -15.52
CA GLU A 163 2.54 8.60 -15.73
C GLU A 163 2.27 7.20 -16.30
N THR A 164 1.44 6.40 -15.60
CA THR A 164 1.14 5.01 -15.96
C THR A 164 0.22 4.90 -17.18
N CYS A 165 -0.93 5.62 -17.19
CA CYS A 165 -1.92 5.56 -18.29
C CYS A 165 -1.30 5.88 -19.66
N PRO A 166 -0.52 7.00 -19.87
CA PRO A 166 0.00 7.28 -21.21
C PRO A 166 0.89 6.15 -21.77
N ARG A 167 1.82 5.59 -20.97
CA ARG A 167 2.68 4.51 -21.45
C ARG A 167 1.89 3.20 -21.58
N TYR A 168 0.77 3.05 -20.84
CA TYR A 168 -0.07 1.85 -21.00
C TYR A 168 -0.86 1.94 -22.31
N LEU A 169 -1.49 3.11 -22.56
CA LEU A 169 -2.28 3.38 -23.75
C LEU A 169 -1.47 3.14 -25.01
N LEU A 170 -0.24 3.69 -25.07
CA LEU A 170 0.63 3.53 -26.22
C LEU A 170 0.96 2.06 -26.46
N GLY A 171 1.29 1.36 -25.37
CA GLY A 171 1.63 -0.05 -25.37
C GLY A 171 0.53 -0.97 -25.85
N VAL A 172 -0.72 -0.72 -25.40
CA VAL A 172 -1.90 -1.53 -25.75
C VAL A 172 -2.38 -1.24 -27.18
N LEU A 173 -2.11 -0.03 -27.71
CA LEU A 173 -2.51 0.32 -29.07
C LEU A 173 -1.64 -0.41 -30.10
N ASN A 174 -0.37 -0.72 -29.74
CA ASN A 174 0.56 -1.47 -30.59
C ASN A 174 0.32 -2.97 -30.45
N ALA A 175 0.15 -3.43 -29.18
CA ALA A 175 -0.08 -4.84 -28.82
C ALA A 175 -1.31 -5.42 -29.51
N GLY A 176 -2.34 -4.60 -29.69
CA GLY A 176 -3.58 -5.03 -30.32
C GLY A 176 -3.93 -4.38 -31.63
N LYS A 177 -2.93 -3.82 -32.37
CA LYS A 177 -3.19 -3.15 -33.65
C LYS A 177 -3.81 -4.09 -34.69
N ALA A 178 -3.49 -5.41 -34.61
CA ALA A 178 -4.01 -6.44 -35.50
C ALA A 178 -5.56 -6.50 -35.50
N ASP A 179 -6.18 -6.15 -34.35
CA ASP A 179 -7.63 -6.14 -34.15
C ASP A 179 -8.20 -4.72 -34.16
N LEU A 180 -7.42 -3.74 -33.65
CA LEU A 180 -7.86 -2.35 -33.53
C LEU A 180 -7.78 -1.59 -34.87
N GLN A 181 -6.73 -1.83 -35.67
CA GLN A 181 -6.54 -1.15 -36.96
C GLN A 181 -7.13 -1.98 -38.13
N ARG A 182 -7.68 -3.17 -37.81
CA ARG A 182 -8.34 -4.13 -38.69
C ARG A 182 -9.50 -3.49 -39.48
N GLN A 183 -9.70 -3.94 -40.74
CA GLN A 183 -10.77 -3.45 -41.61
C GLN A 183 -11.75 -4.58 -41.94
N VAL A 184 -13.03 -4.41 -41.56
CA VAL A 184 -14.09 -5.39 -41.78
C VAL A 184 -15.12 -4.81 -42.76
N LYS A 185 -15.33 -5.49 -43.90
CA LYS A 185 -16.28 -5.08 -44.95
C LYS A 185 -17.72 -5.28 -44.47
N PRO A 186 -18.57 -4.23 -44.56
CA PRO A 186 -19.96 -4.36 -44.08
C PRO A 186 -20.87 -5.22 -44.96
N GLU A 187 -21.85 -5.87 -44.32
CA GLU A 187 -22.89 -6.68 -44.95
C GLU A 187 -24.14 -5.79 -45.07
N ALA A 188 -24.50 -5.41 -46.30
CA ALA A 188 -25.63 -4.51 -46.52
C ALA A 188 -26.77 -5.18 -47.31
N TRP A 189 -28.02 -4.95 -46.85
CA TRP A 189 -29.24 -5.47 -47.48
C TRP A 189 -30.42 -4.50 -47.29
N LEU A 190 -31.36 -4.49 -48.26
CA LEU A 190 -32.55 -3.64 -48.24
C LEU A 190 -33.77 -4.42 -47.76
N SER A 191 -34.73 -3.71 -47.15
CA SER A 191 -35.98 -4.28 -46.65
C SER A 191 -37.10 -3.23 -46.62
N SER A 192 -38.36 -3.68 -46.43
CA SER A 192 -39.54 -2.82 -46.35
C SER A 192 -40.15 -2.85 -44.96
N GLY A 193 -40.25 -1.68 -44.33
CA GLY A 193 -40.78 -1.51 -42.98
C GLY A 193 -42.26 -1.15 -42.94
N PRO A 194 -42.78 -0.70 -41.76
CA PRO A 194 -44.22 -0.35 -41.67
C PRO A 194 -44.57 0.90 -42.50
N SER A 195 -45.67 0.81 -43.27
CA SER A 195 -46.18 1.86 -44.16
C SER A 195 -46.43 3.20 -43.43
N PRO A 196 -45.79 4.30 -43.87
CA PRO A 196 -46.00 5.60 -43.20
C PRO A 196 -47.17 6.38 -43.83
N GLY A 197 -48.33 5.75 -43.87
CA GLY A 197 -49.54 6.30 -44.46
C GLY A 197 -50.03 5.51 -45.66
N PRO A 198 -51.33 5.62 -46.03
CA PRO A 198 -51.83 4.85 -47.18
C PRO A 198 -51.26 5.35 -48.51
N GLY A 199 -50.74 4.42 -49.31
CA GLY A 199 -50.13 4.71 -50.59
C GLY A 199 -48.69 5.18 -50.49
N ARG A 200 -48.01 4.81 -49.38
CA ARG A 200 -46.61 5.16 -49.09
C ARG A 200 -45.84 3.95 -48.57
N LEU A 201 -44.53 3.91 -48.86
CA LEU A 201 -43.63 2.82 -48.48
C LEU A 201 -42.52 3.28 -47.53
N GLN A 202 -41.95 2.34 -46.77
CA GLN A 202 -40.84 2.56 -45.84
C GLN A 202 -39.59 1.90 -46.40
N LEU A 203 -38.68 2.71 -46.98
CA LEU A 203 -37.43 2.19 -47.56
C LEU A 203 -36.41 2.04 -46.45
N VAL A 204 -36.05 0.79 -46.14
CA VAL A 204 -35.10 0.49 -45.06
C VAL A 204 -33.80 -0.05 -45.66
N CYS A 205 -32.66 0.53 -45.25
CA CYS A 205 -31.33 0.15 -45.68
C CYS A 205 -30.51 -0.29 -44.47
N HIS A 206 -30.32 -1.62 -44.33
CA HIS A 206 -29.57 -2.19 -43.22
C HIS A 206 -28.10 -2.34 -43.58
N VAL A 207 -27.21 -1.97 -42.64
CA VAL A 207 -25.75 -2.09 -42.77
C VAL A 207 -25.25 -2.73 -41.48
N SER A 208 -24.66 -3.93 -41.56
CA SER A 208 -24.22 -4.66 -40.38
C SER A 208 -22.85 -5.32 -40.53
N GLY A 209 -22.18 -5.48 -39.41
CA GLY A 209 -20.87 -6.14 -39.31
C GLY A 209 -19.71 -5.38 -39.90
N PHE A 210 -19.59 -4.08 -39.57
CA PHE A 210 -18.50 -3.24 -40.06
C PHE A 210 -17.62 -2.73 -38.93
N TYR A 211 -16.31 -2.60 -39.22
CA TYR A 211 -15.30 -2.10 -38.30
C TYR A 211 -14.17 -1.45 -39.11
N PRO A 212 -13.66 -0.24 -38.74
CA PRO A 212 -14.01 0.60 -37.57
C PRO A 212 -15.41 1.23 -37.65
N LYS A 213 -15.84 1.86 -36.53
CA LYS A 213 -17.15 2.50 -36.35
C LYS A 213 -17.48 3.60 -37.40
N PRO A 214 -16.57 4.52 -37.84
CA PRO A 214 -16.98 5.54 -38.83
C PRO A 214 -17.49 4.96 -40.15
N VAL A 215 -18.76 5.28 -40.46
CA VAL A 215 -19.47 4.82 -41.66
C VAL A 215 -20.32 5.98 -42.22
N TRP A 216 -20.82 5.83 -43.44
CA TRP A 216 -21.66 6.81 -44.13
C TRP A 216 -22.70 6.07 -44.95
N VAL A 217 -23.99 6.22 -44.59
CA VAL A 217 -25.11 5.57 -45.26
C VAL A 217 -26.11 6.65 -45.65
N MET A 218 -26.60 6.62 -46.91
CA MET A 218 -27.55 7.60 -47.45
C MET A 218 -28.40 7.01 -48.58
N TRP A 219 -29.65 7.51 -48.69
CA TRP A 219 -30.57 7.13 -49.76
C TRP A 219 -30.34 8.11 -50.92
N MET A 220 -30.07 7.57 -52.11
CA MET A 220 -29.72 8.37 -53.28
C MET A 220 -30.61 8.11 -54.50
N ARG A 221 -30.88 9.18 -55.26
CA ARG A 221 -31.57 9.12 -56.55
C ARG A 221 -30.54 9.57 -57.57
N GLY A 222 -29.62 8.64 -57.88
CA GLY A 222 -28.49 8.89 -58.77
C GLY A 222 -27.33 9.41 -57.95
N GLU A 223 -27.15 10.75 -57.96
CA GLU A 223 -26.11 11.44 -57.19
C GLU A 223 -26.74 12.37 -56.13
N GLN A 224 -28.07 12.60 -56.24
CA GLN A 224 -28.85 13.45 -55.34
C GLN A 224 -29.00 12.82 -53.96
N GLU A 225 -28.63 13.56 -52.91
CA GLU A 225 -28.75 13.11 -51.52
C GLU A 225 -30.14 13.48 -51.00
N GLN A 226 -30.95 12.46 -50.65
CA GLN A 226 -32.30 12.67 -50.13
C GLN A 226 -32.21 13.11 -48.67
N GLN A 227 -32.62 14.35 -48.38
CA GLN A 227 -32.58 14.94 -47.03
C GLN A 227 -33.55 14.26 -46.05
N GLY A 228 -34.50 13.48 -46.58
CA GLY A 228 -35.48 12.74 -45.81
C GLY A 228 -34.97 11.44 -45.22
N THR A 229 -33.67 11.12 -45.43
CA THR A 229 -33.01 9.92 -44.94
C THR A 229 -32.91 10.00 -43.40
N GLN A 230 -33.69 9.16 -42.72
CA GLN A 230 -33.72 9.09 -41.25
C GLN A 230 -32.73 8.01 -40.79
N LEU A 231 -31.57 8.45 -40.29
CA LEU A 231 -30.51 7.56 -39.80
C LEU A 231 -30.77 7.14 -38.38
N GLY A 232 -30.46 5.88 -38.07
CA GLY A 232 -30.61 5.31 -36.74
C GLY A 232 -29.36 5.50 -35.90
N ASP A 233 -29.26 4.73 -34.81
CA ASP A 233 -28.09 4.78 -33.92
C ASP A 233 -27.12 3.67 -34.30
N ILE A 234 -25.82 3.91 -34.10
CA ILE A 234 -24.79 2.89 -34.39
C ILE A 234 -24.87 1.85 -33.26
N LEU A 235 -25.76 0.86 -33.44
CA LEU A 235 -26.03 -0.20 -32.46
C LEU A 235 -24.90 -1.24 -32.49
N PRO A 236 -24.40 -1.68 -31.31
CA PRO A 236 -23.28 -2.63 -31.31
C PRO A 236 -23.68 -4.09 -31.48
N ASN A 237 -22.74 -4.86 -32.03
CA ASN A 237 -22.83 -6.31 -32.22
C ASN A 237 -21.69 -6.96 -31.44
N ALA A 238 -21.73 -8.30 -31.27
CA ALA A 238 -20.63 -9.05 -30.65
C ALA A 238 -19.50 -9.16 -31.68
N ASN A 239 -18.35 -9.77 -31.32
CA ASN A 239 -17.15 -9.94 -32.17
C ASN A 239 -16.63 -8.57 -32.72
N TRP A 240 -16.88 -7.48 -31.96
CA TRP A 240 -16.50 -6.08 -32.22
C TRP A 240 -16.89 -5.61 -33.64
N THR A 241 -18.20 -5.49 -33.87
CA THR A 241 -18.76 -5.01 -35.15
C THR A 241 -19.91 -4.06 -34.84
N TRP A 242 -20.43 -3.38 -35.87
CA TRP A 242 -21.51 -2.41 -35.69
C TRP A 242 -22.64 -2.62 -36.68
N TYR A 243 -23.83 -2.10 -36.34
CA TYR A 243 -25.03 -2.15 -37.14
C TYR A 243 -25.68 -0.76 -37.21
N LEU A 244 -26.05 -0.33 -38.42
CA LEU A 244 -26.73 0.94 -38.66
C LEU A 244 -27.87 0.73 -39.66
N ARG A 245 -29.01 1.40 -39.39
CA ARG A 245 -30.21 1.33 -40.21
C ARG A 245 -30.63 2.76 -40.64
N ALA A 246 -30.74 2.98 -41.97
CA ALA A 246 -31.14 4.25 -42.57
C ALA A 246 -32.48 4.10 -43.28
N THR A 247 -33.50 4.85 -42.83
CA THR A 247 -34.86 4.79 -43.37
C THR A 247 -35.22 6.02 -44.20
N LEU A 248 -36.25 5.89 -45.06
CA LEU A 248 -36.76 6.96 -45.94
C LEU A 248 -38.25 6.77 -46.22
N ASP A 249 -39.07 7.81 -45.97
CA ASP A 249 -40.52 7.80 -46.21
C ASP A 249 -40.80 8.39 -47.59
N VAL A 250 -41.27 7.54 -48.52
CA VAL A 250 -41.60 7.93 -49.90
C VAL A 250 -42.84 7.18 -50.41
N ALA A 251 -43.47 7.72 -51.48
CA ALA A 251 -44.63 7.14 -52.14
C ALA A 251 -44.24 5.91 -52.96
N ASP A 252 -45.24 5.12 -53.44
CA ASP A 252 -45.04 3.90 -54.22
C ASP A 252 -44.30 4.18 -55.54
N GLY A 253 -44.66 5.28 -56.21
CA GLY A 253 -44.04 5.71 -57.46
C GLY A 253 -42.63 6.25 -57.31
N GLU A 254 -42.35 6.87 -56.14
CA GLU A 254 -41.05 7.46 -55.81
C GLU A 254 -39.96 6.41 -55.60
N ALA A 255 -40.33 5.20 -55.11
CA ALA A 255 -39.44 4.06 -54.81
C ALA A 255 -38.51 3.68 -55.98
N ALA A 256 -39.03 3.71 -57.23
CA ALA A 256 -38.26 3.38 -58.43
C ALA A 256 -37.22 4.48 -58.75
N GLY A 257 -36.00 4.05 -59.04
CA GLY A 257 -34.88 4.93 -59.34
C GLY A 257 -34.03 5.30 -58.14
N LEU A 258 -34.44 4.82 -56.94
CA LEU A 258 -33.72 5.10 -55.69
C LEU A 258 -32.76 3.96 -55.34
N SER A 259 -31.64 4.34 -54.71
CA SER A 259 -30.56 3.43 -54.29
C SER A 259 -30.00 3.85 -52.93
N CYS A 260 -29.31 2.92 -52.25
CA CYS A 260 -28.69 3.18 -50.95
C CYS A 260 -27.17 3.11 -51.07
N ARG A 261 -26.49 4.25 -50.89
CA ARG A 261 -25.03 4.37 -50.97
C ARG A 261 -24.41 4.18 -49.59
N VAL A 262 -23.44 3.24 -49.48
CA VAL A 262 -22.74 2.92 -48.24
C VAL A 262 -21.24 3.20 -48.42
N LYS A 263 -20.70 4.14 -47.62
CA LYS A 263 -19.29 4.53 -47.67
C LYS A 263 -18.58 4.09 -46.38
N HIS A 264 -17.57 3.23 -46.52
CA HIS A 264 -16.78 2.71 -45.41
C HIS A 264 -15.29 2.60 -45.80
N SER A 265 -14.41 2.73 -44.80
CA SER A 265 -12.95 2.70 -44.93
C SER A 265 -12.42 1.37 -45.48
N SER A 266 -13.13 0.26 -45.24
CA SER A 266 -12.76 -1.10 -45.67
C SER A 266 -13.11 -1.36 -47.15
N LEU A 267 -14.02 -0.55 -47.72
CA LEU A 267 -14.49 -0.70 -49.09
C LEU A 267 -13.47 -0.27 -50.16
N GLU A 268 -12.43 0.49 -49.76
CA GLU A 268 -11.30 0.96 -50.59
C GLU A 268 -11.79 1.72 -51.85
N GLY A 269 -12.49 2.83 -51.63
CA GLY A 269 -12.99 3.68 -52.70
C GLY A 269 -14.31 3.27 -53.30
N GLN A 270 -14.43 2.00 -53.73
CA GLN A 270 -15.66 1.48 -54.36
C GLN A 270 -16.73 1.21 -53.30
N ASP A 271 -17.76 2.09 -53.27
CA ASP A 271 -18.89 2.08 -52.33
C ASP A 271 -19.93 1.03 -52.67
N ILE A 272 -20.77 0.65 -51.67
CA ILE A 272 -21.87 -0.31 -51.85
C ILE A 272 -23.11 0.49 -52.25
N ILE A 273 -23.59 0.27 -53.48
CA ILE A 273 -24.80 0.94 -53.98
C ILE A 273 -25.87 -0.15 -54.19
N LEU A 274 -26.94 -0.08 -53.39
CA LEU A 274 -28.05 -1.04 -53.45
C LEU A 274 -29.32 -0.37 -54.01
N TYR A 275 -29.62 -0.65 -55.28
CA TYR A 275 -30.78 -0.11 -55.98
C TYR A 275 -32.06 -0.81 -55.52
N TRP A 276 -33.16 -0.03 -55.37
CA TRP A 276 -34.44 -0.58 -54.91
C TRP A 276 -35.13 -1.41 -56.00
N ARG A 277 -35.68 -2.56 -55.59
CA ARG A 277 -36.41 -3.49 -56.45
C ARG A 277 -37.73 -3.87 -55.78
N GLY A 278 -38.81 -3.81 -56.54
CA GLY A 278 -40.16 -4.14 -56.09
C GLY A 278 -40.55 -5.56 -56.41
N ILE B 1 -32.13 12.60 -11.02
CA ILE B 1 -33.27 12.20 -11.85
C ILE B 1 -33.04 10.77 -12.39
N GLN B 2 -34.14 10.00 -12.53
CA GLN B 2 -34.12 8.64 -13.06
C GLN B 2 -34.49 8.66 -14.55
N ARG B 3 -33.75 7.88 -15.38
CA ARG B 3 -33.96 7.83 -16.83
C ARG B 3 -34.57 6.50 -17.26
N THR B 4 -35.54 6.55 -18.21
CA THR B 4 -36.27 5.39 -18.74
C THR B 4 -35.45 4.68 -19.86
N PRO B 5 -35.37 3.32 -19.84
CA PRO B 5 -34.56 2.61 -20.85
C PRO B 5 -35.15 2.58 -22.27
N LYS B 6 -34.25 2.64 -23.27
CA LYS B 6 -34.56 2.55 -24.69
C LYS B 6 -34.17 1.15 -25.18
N ILE B 7 -35.16 0.38 -25.65
CA ILE B 7 -34.97 -0.99 -26.10
C ILE B 7 -34.97 -1.04 -27.64
N GLN B 8 -33.96 -1.71 -28.22
CA GLN B 8 -33.80 -1.88 -29.66
C GLN B 8 -33.43 -3.32 -29.98
N VAL B 9 -34.30 -4.03 -30.71
CA VAL B 9 -34.12 -5.44 -31.11
C VAL B 9 -33.76 -5.47 -32.60
N TYR B 10 -32.73 -6.27 -32.96
CA TYR B 10 -32.22 -6.40 -34.32
C TYR B 10 -31.44 -7.71 -34.50
N SER B 11 -31.11 -8.05 -35.76
CA SER B 11 -30.37 -9.26 -36.13
C SER B 11 -29.00 -8.91 -36.75
N ARG B 12 -28.02 -9.82 -36.59
CA ARG B 12 -26.66 -9.68 -37.12
C ARG B 12 -26.65 -9.85 -38.65
N HIS B 13 -27.53 -10.72 -39.16
CA HIS B 13 -27.67 -11.03 -40.59
C HIS B 13 -29.14 -10.86 -41.03
N PRO B 14 -29.46 -10.72 -42.36
CA PRO B 14 -30.87 -10.58 -42.76
C PRO B 14 -31.71 -11.80 -42.38
N ALA B 15 -32.99 -11.56 -42.04
CA ALA B 15 -33.94 -12.60 -41.63
C ALA B 15 -34.20 -13.60 -42.76
N GLU B 16 -33.59 -14.79 -42.65
CA GLU B 16 -33.73 -15.89 -43.60
C GLU B 16 -34.12 -17.17 -42.84
N ASN B 17 -35.29 -17.74 -43.20
CA ASN B 17 -35.85 -18.95 -42.57
C ASN B 17 -35.00 -20.19 -42.88
N GLY B 18 -34.60 -20.88 -41.82
CA GLY B 18 -33.77 -22.09 -41.91
C GLY B 18 -32.32 -21.84 -41.54
N LYS B 19 -31.74 -20.74 -42.03
CA LYS B 19 -30.36 -20.33 -41.76
C LYS B 19 -30.24 -19.75 -40.35
N SER B 20 -29.17 -20.11 -39.60
CA SER B 20 -28.92 -19.64 -38.24
C SER B 20 -28.52 -18.16 -38.22
N ASN B 21 -28.89 -17.44 -37.14
CA ASN B 21 -28.62 -16.01 -36.96
C ASN B 21 -28.43 -15.66 -35.46
N PHE B 22 -28.23 -14.37 -35.15
CA PHE B 22 -28.06 -13.84 -33.79
C PHE B 22 -29.06 -12.71 -33.51
N LEU B 23 -29.78 -12.78 -32.39
CA LEU B 23 -30.75 -11.75 -32.01
C LEU B 23 -30.19 -10.89 -30.88
N ASN B 24 -30.01 -9.59 -31.15
CA ASN B 24 -29.47 -8.65 -30.18
C ASN B 24 -30.56 -7.73 -29.62
N CYS B 25 -30.46 -7.41 -28.32
CA CYS B 25 -31.37 -6.51 -27.60
C CYS B 25 -30.51 -5.49 -26.85
N TYR B 26 -30.40 -4.27 -27.42
CA TYR B 26 -29.58 -3.20 -26.86
C TYR B 26 -30.42 -2.27 -26.00
N VAL B 27 -30.30 -2.43 -24.67
CA VAL B 27 -31.00 -1.63 -23.67
C VAL B 27 -30.05 -0.50 -23.26
N SER B 28 -30.47 0.76 -23.46
CA SER B 28 -29.63 1.94 -23.17
C SER B 28 -30.42 3.13 -22.62
N GLY B 29 -29.67 4.16 -22.20
CA GLY B 29 -30.20 5.41 -21.67
C GLY B 29 -31.01 5.33 -20.40
N PHE B 30 -30.67 4.39 -19.50
CA PHE B 30 -31.38 4.20 -18.23
C PHE B 30 -30.53 4.48 -17.00
N HIS B 31 -31.19 4.82 -15.88
CA HIS B 31 -30.58 5.09 -14.58
C HIS B 31 -31.63 4.90 -13.47
N PRO B 32 -31.38 4.10 -12.40
CA PRO B 32 -30.16 3.37 -12.02
C PRO B 32 -29.84 2.14 -12.88
N SER B 33 -28.69 1.51 -12.60
CA SER B 33 -28.13 0.35 -13.30
C SER B 33 -28.96 -0.93 -13.15
N ASP B 34 -29.61 -1.15 -11.98
CA ASP B 34 -30.41 -2.34 -11.71
C ASP B 34 -31.55 -2.48 -12.71
N ILE B 35 -31.49 -3.53 -13.55
CA ILE B 35 -32.46 -3.80 -14.61
C ILE B 35 -32.61 -5.31 -14.86
N GLU B 36 -33.83 -5.73 -15.25
CA GLU B 36 -34.18 -7.11 -15.59
C GLU B 36 -34.47 -7.19 -17.08
N VAL B 37 -33.62 -7.90 -17.83
CA VAL B 37 -33.76 -8.04 -19.29
C VAL B 37 -33.76 -9.52 -19.65
N ASP B 38 -34.75 -9.94 -20.46
CA ASP B 38 -34.91 -11.31 -20.94
C ASP B 38 -35.35 -11.34 -22.41
N LEU B 39 -34.74 -12.24 -23.18
CA LEU B 39 -35.08 -12.46 -24.59
C LEU B 39 -36.14 -13.55 -24.66
N LEU B 40 -37.20 -13.31 -25.46
CA LEU B 40 -38.34 -14.23 -25.54
C LEU B 40 -38.50 -14.91 -26.89
N LYS B 41 -38.96 -16.17 -26.85
CA LYS B 41 -39.29 -17.01 -28.00
C LYS B 41 -40.74 -17.47 -27.80
N ASN B 42 -41.67 -16.78 -28.50
CA ASN B 42 -43.13 -16.98 -28.47
C ASN B 42 -43.67 -16.85 -27.02
N GLY B 43 -43.28 -15.77 -26.35
CA GLY B 43 -43.68 -15.45 -24.98
C GLY B 43 -42.82 -16.02 -23.89
N GLU B 44 -42.21 -17.21 -24.12
CA GLU B 44 -41.38 -17.90 -23.13
C GLU B 44 -39.93 -17.40 -23.17
N ARG B 45 -39.34 -17.24 -21.98
CA ARG B 45 -37.96 -16.79 -21.72
C ARG B 45 -36.93 -17.80 -22.30
N ILE B 46 -35.87 -17.28 -22.96
CA ILE B 46 -34.78 -18.09 -23.52
C ILE B 46 -33.72 -18.27 -22.42
N GLU B 47 -33.36 -19.53 -22.13
CA GLU B 47 -32.41 -19.91 -21.07
C GLU B 47 -30.96 -19.51 -21.40
N LYS B 48 -30.41 -20.01 -22.52
CA LYS B 48 -29.04 -19.75 -22.95
C LYS B 48 -28.95 -18.39 -23.67
N VAL B 49 -28.75 -17.31 -22.89
CA VAL B 49 -28.65 -15.93 -23.37
C VAL B 49 -27.38 -15.29 -22.80
N GLU B 50 -26.53 -14.74 -23.70
CA GLU B 50 -25.28 -14.06 -23.32
C GLU B 50 -25.52 -12.56 -23.23
N HIS B 51 -24.91 -11.91 -22.23
CA HIS B 51 -25.07 -10.47 -22.04
C HIS B 51 -23.74 -9.82 -21.68
N SER B 52 -23.56 -8.59 -22.18
CA SER B 52 -22.36 -7.77 -21.97
C SER B 52 -22.24 -7.28 -20.52
N ASP B 53 -21.03 -6.84 -20.15
CA ASP B 53 -20.75 -6.26 -18.82
C ASP B 53 -21.35 -4.87 -18.78
N LEU B 54 -21.73 -4.39 -17.59
CA LEU B 54 -22.35 -3.07 -17.43
C LEU B 54 -21.38 -1.96 -17.82
N SER B 55 -21.89 -1.03 -18.64
CA SER B 55 -21.20 0.14 -19.13
C SER B 55 -22.15 1.34 -19.17
N PHE B 56 -21.61 2.55 -19.31
CA PHE B 56 -22.40 3.77 -19.38
C PHE B 56 -21.82 4.75 -20.41
N SER B 57 -22.70 5.60 -20.97
CA SER B 57 -22.35 6.62 -21.96
C SER B 57 -21.82 7.90 -21.29
N LYS B 58 -21.44 8.91 -22.10
CA LYS B 58 -20.90 10.21 -21.67
C LYS B 58 -21.80 10.93 -20.65
N ASP B 59 -23.13 10.75 -20.77
CA ASP B 59 -24.13 11.37 -19.90
C ASP B 59 -24.48 10.45 -18.71
N TRP B 60 -23.58 9.49 -18.38
CA TRP B 60 -23.65 8.53 -17.27
C TRP B 60 -24.80 7.50 -17.45
N SER B 61 -25.56 7.58 -18.55
CA SER B 61 -26.66 6.69 -18.89
C SER B 61 -26.13 5.31 -19.23
N PHE B 62 -26.57 4.29 -18.49
CA PHE B 62 -26.13 2.90 -18.67
C PHE B 62 -26.61 2.28 -19.98
N TYR B 63 -25.84 1.31 -20.50
CA TYR B 63 -26.15 0.58 -21.71
C TYR B 63 -25.68 -0.87 -21.60
N LEU B 64 -26.54 -1.82 -22.02
CA LEU B 64 -26.27 -3.25 -21.99
C LEU B 64 -26.73 -3.92 -23.29
N LEU B 65 -26.03 -4.99 -23.69
CA LEU B 65 -26.34 -5.74 -24.90
C LEU B 65 -26.60 -7.21 -24.57
N TYR B 66 -27.85 -7.67 -24.80
CA TYR B 66 -28.29 -9.05 -24.58
C TYR B 66 -28.40 -9.72 -25.94
N TYR B 67 -27.64 -10.81 -26.16
CA TYR B 67 -27.65 -11.51 -27.45
C TYR B 67 -27.64 -13.04 -27.30
N THR B 68 -28.27 -13.73 -28.28
CA THR B 68 -28.34 -15.20 -28.32
C THR B 68 -28.47 -15.69 -29.78
N GLU B 69 -27.93 -16.89 -30.05
CA GLU B 69 -27.99 -17.53 -31.35
C GLU B 69 -29.38 -18.14 -31.54
N PHE B 70 -29.98 -17.95 -32.72
CA PHE B 70 -31.33 -18.43 -33.01
C PHE B 70 -31.49 -18.80 -34.49
N THR B 71 -32.44 -19.71 -34.78
CA THR B 71 -32.77 -20.13 -36.13
C THR B 71 -34.20 -19.63 -36.42
N PRO B 72 -34.35 -18.53 -37.19
CA PRO B 72 -35.71 -17.98 -37.43
C PRO B 72 -36.58 -18.83 -38.35
N THR B 73 -37.89 -18.76 -38.11
CA THR B 73 -38.96 -19.44 -38.85
C THR B 73 -40.15 -18.49 -38.97
N GLU B 74 -40.98 -18.65 -40.02
CA GLU B 74 -42.16 -17.82 -40.30
C GLU B 74 -43.20 -17.89 -39.17
N LYS B 75 -43.28 -19.05 -38.49
CA LYS B 75 -44.22 -19.35 -37.40
C LYS B 75 -43.82 -18.70 -36.07
N ASP B 76 -42.51 -18.72 -35.72
CA ASP B 76 -41.99 -18.18 -34.45
C ASP B 76 -41.83 -16.66 -34.45
N GLU B 77 -42.24 -16.02 -33.35
CA GLU B 77 -42.13 -14.57 -33.10
C GLU B 77 -41.24 -14.32 -31.88
N TYR B 78 -40.26 -13.41 -32.02
CA TYR B 78 -39.28 -13.09 -30.97
C TYR B 78 -39.50 -11.68 -30.41
N ALA B 79 -39.17 -11.50 -29.12
CA ALA B 79 -39.31 -10.22 -28.41
C ALA B 79 -38.30 -10.07 -27.26
N CYS B 80 -38.20 -8.85 -26.69
CA CYS B 80 -37.29 -8.54 -25.58
C CYS B 80 -38.08 -7.88 -24.44
N ARG B 81 -38.15 -8.56 -23.27
CA ARG B 81 -38.86 -8.07 -22.09
C ARG B 81 -37.87 -7.38 -21.15
N VAL B 82 -38.12 -6.10 -20.87
CA VAL B 82 -37.26 -5.26 -20.03
C VAL B 82 -38.09 -4.66 -18.88
N ASN B 83 -37.59 -4.79 -17.63
CA ASN B 83 -38.23 -4.25 -16.45
C ASN B 83 -37.24 -3.38 -15.65
N HIS B 84 -37.64 -2.11 -15.42
CA HIS B 84 -36.86 -1.09 -14.71
C HIS B 84 -37.78 -0.36 -13.72
N VAL B 85 -37.18 0.37 -12.75
CA VAL B 85 -37.90 1.13 -11.72
C VAL B 85 -38.75 2.28 -12.36
N THR B 86 -38.41 2.71 -13.59
CA THR B 86 -39.11 3.77 -14.33
C THR B 86 -40.29 3.20 -15.15
N LEU B 87 -40.56 1.88 -15.02
CA LEU B 87 -41.65 1.21 -15.72
C LEU B 87 -42.66 0.62 -14.73
N SER B 88 -43.96 0.88 -14.95
CA SER B 88 -45.07 0.38 -14.13
C SER B 88 -45.22 -1.14 -14.29
N GLN B 89 -45.07 -1.62 -15.54
CA GLN B 89 -45.11 -3.05 -15.92
C GLN B 89 -43.98 -3.32 -16.94
N PRO B 90 -43.38 -4.55 -16.99
CA PRO B 90 -42.29 -4.80 -17.94
C PRO B 90 -42.64 -4.53 -19.40
N LYS B 91 -41.79 -3.75 -20.09
CA LYS B 91 -41.97 -3.36 -21.50
C LYS B 91 -41.47 -4.49 -22.41
N ILE B 92 -42.33 -4.91 -23.35
CA ILE B 92 -42.00 -5.98 -24.30
C ILE B 92 -41.93 -5.37 -25.70
N VAL B 93 -40.75 -5.46 -26.35
CA VAL B 93 -40.51 -4.91 -27.69
C VAL B 93 -40.38 -6.09 -28.67
N LYS B 94 -41.37 -6.21 -29.57
CA LYS B 94 -41.44 -7.27 -30.58
C LYS B 94 -40.41 -7.02 -31.69
N TRP B 95 -39.68 -8.08 -32.08
CA TRP B 95 -38.67 -8.01 -33.13
C TRP B 95 -39.33 -8.02 -34.51
N ASP B 96 -39.34 -6.86 -35.17
CA ASP B 96 -39.89 -6.73 -36.51
C ASP B 96 -38.81 -7.17 -37.51
N ARG B 97 -39.05 -8.29 -38.21
CA ARG B 97 -38.10 -8.86 -39.17
C ARG B 97 -38.03 -8.04 -40.49
N ASP B 98 -38.94 -7.04 -40.67
CA ASP B 98 -39.06 -6.13 -41.82
C ASP B 98 -39.28 -6.90 -43.11
N GLY C 1 8.85 5.15 -5.29
CA GLY C 1 10.15 5.39 -4.67
C GLY C 1 10.78 4.16 -4.11
N GLN C 2 11.94 3.76 -4.66
CA GLN C 2 12.62 2.54 -4.22
C GLN C 2 14.13 2.75 -3.96
N ASN C 3 14.82 3.57 -4.76
CA ASN C 3 16.26 3.76 -4.54
C ASN C 3 16.52 4.95 -3.63
N ILE C 4 17.05 4.67 -2.42
CA ILE C 4 17.33 5.68 -1.37
C ILE C 4 18.79 5.59 -0.91
N ASP C 5 19.50 6.72 -0.97
CA ASP C 5 20.90 6.85 -0.52
C ASP C 5 20.99 7.95 0.52
N GLN C 6 21.73 7.68 1.60
CA GLN C 6 21.97 8.59 2.73
C GLN C 6 23.31 8.20 3.43
N PRO C 7 24.00 9.11 4.17
CA PRO C 7 25.27 8.71 4.81
C PRO C 7 25.12 7.59 5.84
N THR C 8 26.16 6.75 5.98
CA THR C 8 26.20 5.61 6.90
C THR C 8 26.29 6.12 8.34
N GLU C 9 27.28 6.99 8.62
CA GLU C 9 27.52 7.56 9.95
C GLU C 9 27.71 9.07 9.87
N MET C 10 27.39 9.76 10.98
CA MET C 10 27.52 11.21 11.17
C MET C 10 27.80 11.50 12.62
N THR C 11 28.84 12.31 12.88
CA THR C 11 29.21 12.69 14.25
C THR C 11 29.04 14.20 14.42
N ALA C 12 28.38 14.61 15.53
CA ALA C 12 28.11 16.02 15.82
C ALA C 12 28.26 16.34 17.31
N THR C 13 28.63 17.59 17.61
CA THR C 13 28.81 18.11 18.98
C THR C 13 27.44 18.54 19.53
N GLU C 14 27.17 18.26 20.82
CA GLU C 14 25.92 18.63 21.50
C GLU C 14 25.74 20.14 21.49
N GLY C 15 24.56 20.59 21.11
CA GLY C 15 24.22 22.00 21.02
C GLY C 15 24.36 22.61 19.64
N ALA C 16 25.01 21.89 18.70
CA ALA C 16 25.21 22.32 17.32
C ALA C 16 24.00 21.98 16.43
N ILE C 17 24.14 22.21 15.11
CA ILE C 17 23.09 21.92 14.13
C ILE C 17 23.59 20.84 13.18
N VAL C 18 22.76 19.82 12.93
CA VAL C 18 23.09 18.71 12.02
C VAL C 18 22.09 18.65 10.88
N GLN C 19 22.59 18.28 9.68
CA GLN C 19 21.78 18.14 8.50
C GLN C 19 22.09 16.79 7.84
N ILE C 20 21.11 15.87 7.88
CA ILE C 20 21.20 14.54 7.29
C ILE C 20 20.59 14.64 5.89
N ASN C 21 21.40 14.43 4.84
CA ASN C 21 20.93 14.52 3.46
C ASN C 21 20.50 13.16 2.93
N CYS C 22 19.48 13.14 2.09
CA CYS C 22 18.92 11.92 1.53
C CYS C 22 18.56 12.15 0.06
N THR C 23 19.14 11.34 -0.83
CA THR C 23 18.91 11.41 -2.27
C THR C 23 18.14 10.17 -2.70
N TYR C 24 17.06 10.35 -3.48
CA TYR C 24 16.22 9.25 -3.87
C TYR C 24 15.94 9.20 -5.39
N GLN C 25 15.48 8.02 -5.88
CA GLN C 25 15.12 7.72 -7.26
C GLN C 25 13.78 6.98 -7.27
N THR C 26 12.72 7.63 -7.78
CA THR C 26 11.35 7.09 -7.81
C THR C 26 10.88 6.67 -9.19
N SER C 27 10.02 5.65 -9.22
CA SER C 27 9.31 5.18 -10.41
C SER C 27 7.83 5.54 -10.20
N GLY C 28 7.57 6.19 -9.07
CA GLY C 28 6.27 6.66 -8.61
C GLY C 28 6.34 7.10 -7.17
N PHE C 29 6.42 8.43 -6.95
CA PHE C 29 6.51 9.05 -5.63
C PHE C 29 5.15 9.21 -4.97
N ASN C 30 5.08 8.97 -3.65
CA ASN C 30 3.84 9.08 -2.89
C ASN C 30 4.07 9.73 -1.50
N GLY C 31 5.30 10.13 -1.24
CA GLY C 31 5.67 10.78 0.01
C GLY C 31 7.04 10.39 0.51
N LEU C 32 7.71 11.31 1.21
CA LEU C 32 9.01 11.06 1.81
C LEU C 32 8.88 11.15 3.32
N PHE C 33 9.39 10.13 4.00
CA PHE C 33 9.30 10.01 5.45
C PHE C 33 10.65 9.94 6.11
N TRP C 34 10.70 10.43 7.34
CA TRP C 34 11.88 10.37 8.20
C TRP C 34 11.48 9.65 9.48
N TYR C 35 12.30 8.68 9.88
CA TYR C 35 12.05 7.89 11.08
C TYR C 35 13.27 7.89 11.98
N GLN C 36 13.05 8.00 13.29
CA GLN C 36 14.10 7.95 14.29
C GLN C 36 14.09 6.58 14.95
N GLN C 37 15.26 5.94 15.08
CA GLN C 37 15.35 4.62 15.70
C GLN C 37 16.57 4.54 16.63
N HIS C 38 16.30 4.39 17.93
CA HIS C 38 17.32 4.25 18.96
C HIS C 38 17.78 2.80 19.03
N ALA C 39 18.98 2.58 19.59
CA ALA C 39 19.52 1.24 19.76
C ALA C 39 19.08 0.70 21.14
N GLY C 40 18.32 -0.39 21.18
CA GLY C 40 17.83 -1.14 20.02
C GLY C 40 16.32 -1.20 20.02
N GLU C 41 15.69 -0.02 20.05
CA GLU C 41 14.24 0.17 20.06
C GLU C 41 13.65 0.17 18.63
N ALA C 42 12.34 0.40 18.51
CA ALA C 42 11.58 0.43 17.26
C ALA C 42 11.68 1.78 16.53
N PRO C 43 11.42 1.85 15.19
CA PRO C 43 11.45 3.14 14.50
C PRO C 43 10.26 4.01 14.88
N THR C 44 10.53 5.30 15.15
CA THR C 44 9.54 6.32 15.55
C THR C 44 9.35 7.29 14.38
N PHE C 45 8.08 7.61 14.06
CA PHE C 45 7.75 8.56 12.99
C PHE C 45 8.24 9.97 13.35
N LEU C 46 8.92 10.63 12.41
CA LEU C 46 9.45 11.96 12.64
C LEU C 46 8.76 13.01 11.78
N SER C 47 8.74 12.79 10.45
CA SER C 47 8.12 13.75 9.53
C SER C 47 7.58 13.12 8.26
N TYR C 48 6.66 13.83 7.58
CA TYR C 48 6.08 13.41 6.31
C TYR C 48 6.07 14.61 5.36
N ASN C 49 6.65 14.41 4.17
CA ASN C 49 6.72 15.41 3.13
C ASN C 49 6.19 14.84 1.81
N VAL C 50 5.14 15.46 1.28
CA VAL C 50 4.49 15.03 0.04
C VAL C 50 4.79 16.06 -1.07
N LEU C 51 5.04 17.32 -0.67
CA LEU C 51 5.34 18.44 -1.56
C LEU C 51 6.58 19.18 -1.09
N ASP C 52 7.19 19.96 -1.98
CA ASP C 52 8.36 20.79 -1.65
C ASP C 52 7.89 22.04 -0.90
N GLY C 53 8.50 22.39 0.23
CA GLY C 53 9.67 21.73 0.79
C GLY C 53 9.71 21.58 2.30
N LEU C 54 10.12 22.64 3.01
CA LEU C 54 10.32 22.62 4.45
C LEU C 54 9.03 22.44 5.30
N GLU C 55 9.16 21.61 6.34
CA GLU C 55 8.15 21.26 7.37
C GLU C 55 8.84 21.34 8.73
N GLU C 56 8.22 22.01 9.71
CA GLU C 56 8.82 22.16 11.05
C GLU C 56 7.97 21.55 12.16
N LYS C 57 8.65 21.02 13.20
CA LYS C 57 8.06 20.42 14.40
C LYS C 57 9.14 20.29 15.46
N GLY C 58 9.08 21.18 16.46
CA GLY C 58 10.03 21.24 17.56
C GLY C 58 11.41 21.67 17.09
N ARG C 59 12.43 20.89 17.49
CA ARG C 59 13.82 21.16 17.12
C ARG C 59 14.18 20.56 15.75
N PHE C 60 13.24 19.80 15.16
CA PHE C 60 13.48 19.13 13.87
C PHE C 60 12.76 19.82 12.73
N SER C 61 13.44 19.82 11.57
CA SER C 61 12.96 20.36 10.31
C SER C 61 13.21 19.35 9.21
N SER C 62 12.32 19.30 8.21
CA SER C 62 12.45 18.36 7.11
C SER C 62 12.06 19.03 5.80
N PHE C 63 12.98 19.04 4.84
CA PHE C 63 12.80 19.65 3.53
C PHE C 63 12.76 18.57 2.45
N LEU C 64 11.95 18.79 1.41
CA LEU C 64 11.82 17.88 0.27
C LEU C 64 11.94 18.66 -1.04
N SER C 65 12.57 18.03 -2.06
CA SER C 65 12.70 18.58 -3.41
C SER C 65 12.47 17.50 -4.43
N ARG C 66 11.22 17.35 -4.87
CA ARG C 66 10.80 16.32 -5.83
C ARG C 66 11.45 16.55 -7.21
N SER C 67 11.62 17.82 -7.60
CA SER C 67 12.25 18.22 -8.85
C SER C 67 13.73 17.81 -8.88
N LYS C 68 14.48 18.07 -7.79
CA LYS C 68 15.91 17.76 -7.68
C LYS C 68 16.18 16.42 -6.95
N GLY C 69 15.11 15.65 -6.71
CA GLY C 69 15.13 14.34 -6.06
C GLY C 69 15.92 14.19 -4.79
N TYR C 70 15.75 15.12 -3.83
CA TYR C 70 16.48 15.05 -2.57
C TYR C 70 15.65 15.56 -1.40
N SER C 71 16.11 15.23 -0.18
CA SER C 71 15.50 15.62 1.08
C SER C 71 16.54 15.73 2.19
N TYR C 72 16.37 16.73 3.07
CA TYR C 72 17.28 16.86 4.21
C TYR C 72 16.49 16.99 5.52
N LEU C 73 17.07 16.48 6.61
CA LEU C 73 16.50 16.54 7.96
C LEU C 73 17.40 17.40 8.82
N LEU C 74 16.87 18.53 9.32
CA LEU C 74 17.64 19.45 10.14
C LEU C 74 17.38 19.25 11.62
N LEU C 75 18.46 19.19 12.40
CA LEU C 75 18.42 18.99 13.85
C LEU C 75 18.97 20.24 14.56
N LYS C 76 18.07 21.20 14.84
CA LYS C 76 18.40 22.46 15.53
C LYS C 76 18.65 22.21 17.02
N GLU C 77 19.56 22.99 17.64
CA GLU C 77 19.97 22.94 19.06
C GLU C 77 19.97 21.50 19.59
N LEU C 78 20.91 20.70 19.06
CA LEU C 78 21.12 19.28 19.33
C LEU C 78 21.26 18.96 20.83
N GLN C 79 20.70 17.80 21.23
CA GLN C 79 20.74 17.28 22.59
C GLN C 79 21.34 15.87 22.59
N MET C 80 21.62 15.30 23.77
CA MET C 80 22.20 13.96 23.88
C MET C 80 21.21 12.85 23.48
N LYS C 81 19.90 13.07 23.75
CA LYS C 81 18.83 12.11 23.45
C LYS C 81 18.63 11.90 21.94
N ASP C 82 19.20 12.79 21.11
CA ASP C 82 19.09 12.74 19.65
C ASP C 82 20.04 11.73 19.01
N SER C 83 20.94 11.09 19.81
CA SER C 83 21.89 10.09 19.30
C SER C 83 21.12 8.81 18.95
N ALA C 84 20.79 8.66 17.66
CA ALA C 84 20.02 7.53 17.12
C ALA C 84 20.24 7.37 15.62
N SER C 85 19.65 6.31 15.03
CA SER C 85 19.69 6.05 13.60
C SER C 85 18.50 6.77 12.95
N TYR C 86 18.75 7.47 11.84
CA TYR C 86 17.72 8.23 11.15
C TYR C 86 17.44 7.62 9.77
N LEU C 87 16.25 7.03 9.63
CA LEU C 87 15.79 6.36 8.43
C LEU C 87 15.08 7.30 7.47
N CYS C 88 15.47 7.25 6.20
CA CYS C 88 14.85 8.03 5.13
C CYS C 88 14.01 7.05 4.31
N ALA C 89 12.71 7.29 4.24
CA ALA C 89 11.80 6.39 3.53
C ALA C 89 11.02 7.08 2.44
N VAL C 90 10.70 6.34 1.38
CA VAL C 90 9.89 6.84 0.27
C VAL C 90 8.74 5.85 0.06
N ARG C 91 7.51 6.35 0.09
CA ARG C 91 6.29 5.57 -0.09
C ARG C 91 5.98 5.40 -1.59
N ASN C 92 5.48 4.22 -1.96
CA ASN C 92 5.12 3.88 -3.33
C ASN C 92 3.67 4.28 -3.62
N THR C 93 3.30 4.42 -4.90
CA THR C 93 1.92 4.72 -5.25
C THR C 93 1.13 3.40 -5.23
N GLY C 94 0.08 3.33 -4.42
CA GLY C 94 -0.41 4.44 -3.63
C GLY C 94 -0.89 4.14 -2.23
N GLY C 95 -0.03 4.39 -1.25
CA GLY C 95 -0.36 4.26 0.16
C GLY C 95 0.27 3.16 0.98
N PHE C 96 -0.06 1.89 0.66
CA PHE C 96 0.32 0.70 1.42
C PHE C 96 1.84 0.46 1.57
N LYS C 97 2.57 0.17 0.49
CA LYS C 97 3.99 -0.16 0.59
C LYS C 97 4.89 1.09 0.70
N THR C 98 5.81 1.06 1.69
CA THR C 98 6.81 2.11 1.97
C THR C 98 8.20 1.45 1.96
N ILE C 99 9.15 2.04 1.20
CA ILE C 99 10.52 1.53 1.09
C ILE C 99 11.42 2.34 2.03
N PHE C 100 12.15 1.65 2.92
CA PHE C 100 13.04 2.27 3.91
C PHE C 100 14.51 2.24 3.46
N GLY C 101 15.22 3.33 3.76
CA GLY C 101 16.63 3.46 3.47
C GLY C 101 17.49 2.72 4.47
N ALA C 102 18.81 2.65 4.23
CA ALA C 102 19.77 1.96 5.08
C ALA C 102 19.89 2.61 6.47
N GLY C 103 19.70 3.94 6.54
CA GLY C 103 19.75 4.69 7.78
C GLY C 103 21.04 5.44 8.02
N THR C 104 20.98 6.48 8.88
CA THR C 104 22.12 7.30 9.25
C THR C 104 22.31 7.26 10.77
N ARG C 105 23.37 6.59 11.23
CA ARG C 105 23.70 6.51 12.65
C ARG C 105 24.32 7.83 13.06
N LEU C 106 23.62 8.58 13.94
CA LEU C 106 24.09 9.88 14.43
C LEU C 106 24.71 9.73 15.80
N PHE C 107 26.00 10.08 15.91
CA PHE C 107 26.74 10.04 17.17
C PHE C 107 26.84 11.44 17.74
N VAL C 108 26.30 11.66 18.95
CA VAL C 108 26.32 12.97 19.59
C VAL C 108 27.43 12.99 20.66
N LYS C 109 28.38 13.93 20.51
CA LYS C 109 29.50 14.13 21.42
C LYS C 109 29.06 15.06 22.54
N ALA C 110 29.17 14.61 23.81
CA ALA C 110 28.76 15.37 24.99
C ALA C 110 29.68 16.57 25.25
N ASN C 111 29.06 17.72 25.62
CA ASN C 111 29.77 18.97 25.91
C ASN C 111 29.72 19.20 27.43
N ILE C 112 30.86 18.95 28.10
CA ILE C 112 31.00 19.10 29.56
C ILE C 112 31.72 20.42 29.88
N GLN C 113 31.11 21.21 30.80
CA GLN C 113 31.64 22.49 31.24
C GLN C 113 32.60 22.31 32.44
N ASN C 114 32.48 21.17 33.17
CA ASN C 114 33.33 20.83 34.32
C ASN C 114 33.99 19.44 34.09
N PRO C 115 34.98 19.30 33.17
CA PRO C 115 35.58 17.98 32.93
C PRO C 115 36.77 17.68 33.84
N ASP C 116 36.57 16.80 34.84
CA ASP C 116 37.60 16.39 35.78
C ASP C 116 37.82 14.86 35.70
N PRO C 117 38.63 14.37 34.73
CA PRO C 117 38.83 12.92 34.57
C PRO C 117 39.55 12.27 35.77
N ALA C 118 39.08 11.07 36.13
CA ALA C 118 39.61 10.26 37.23
C ALA C 118 39.27 8.78 37.05
N VAL C 119 40.11 7.90 37.61
CA VAL C 119 39.93 6.45 37.58
C VAL C 119 39.65 5.97 39.00
N TYR C 120 38.55 5.22 39.20
CA TYR C 120 38.17 4.71 40.52
C TYR C 120 38.06 3.19 40.52
N GLN C 121 38.46 2.55 41.63
CA GLN C 121 38.38 1.10 41.79
C GLN C 121 37.13 0.76 42.62
N LEU C 122 36.22 -0.03 42.03
CA LEU C 122 34.96 -0.44 42.67
C LEU C 122 34.99 -1.91 43.06
N ARG C 123 34.92 -2.19 44.37
CA ARG C 123 34.96 -3.55 44.90
C ARG C 123 33.56 -4.18 44.93
N ASP C 124 33.49 -5.51 44.74
CA ASP C 124 32.24 -6.30 44.71
C ASP C 124 31.55 -6.27 46.08
N SER C 125 30.22 -6.16 46.06
CA SER C 125 29.37 -6.14 47.26
C SER C 125 29.40 -7.50 47.97
N LYS C 126 29.48 -8.59 47.17
CA LYS C 126 29.55 -9.96 47.66
C LYS C 126 30.62 -10.76 46.85
N SER C 127 31.83 -11.03 47.43
CA SER C 127 32.39 -10.69 48.74
C SER C 127 33.87 -11.14 48.81
N SER C 128 34.57 -11.10 47.66
CA SER C 128 35.96 -11.56 47.57
C SER C 128 36.89 -10.51 46.92
N ASP C 129 38.04 -10.97 46.38
CA ASP C 129 39.10 -10.17 45.74
C ASP C 129 38.76 -9.72 44.30
N LYS C 130 37.46 -9.73 43.93
CA LYS C 130 37.00 -9.29 42.61
C LYS C 130 36.68 -7.78 42.63
N SER C 131 37.18 -7.04 41.63
CA SER C 131 36.99 -5.59 41.52
C SER C 131 37.00 -5.09 40.06
N VAL C 132 36.41 -3.90 39.82
CA VAL C 132 36.32 -3.25 38.50
C VAL C 132 36.88 -1.82 38.56
N CYS C 133 37.28 -1.26 37.40
CA CYS C 133 37.83 0.09 37.26
C CYS C 133 36.83 0.97 36.52
N LEU C 134 36.73 2.25 36.92
CA LEU C 134 35.78 3.18 36.29
C LEU C 134 36.44 4.53 35.96
N PHE C 135 36.61 4.79 34.65
CA PHE C 135 37.11 6.06 34.11
C PHE C 135 35.90 6.96 33.97
N THR C 136 35.85 8.10 34.68
CA THR C 136 34.65 8.95 34.60
C THR C 136 34.96 10.47 34.60
N ASP C 137 33.89 11.27 34.34
CA ASP C 137 33.81 12.75 34.29
C ASP C 137 34.69 13.38 33.19
N PHE C 138 35.15 12.60 32.19
CA PHE C 138 35.95 13.11 31.08
C PHE C 138 35.03 13.69 29.97
N ASP C 139 35.62 14.33 28.94
CA ASP C 139 34.88 14.94 27.83
C ASP C 139 34.90 14.02 26.58
N SER C 140 35.36 14.55 25.40
CA SER C 140 35.43 13.81 24.14
C SER C 140 36.46 12.67 24.21
N GLN C 141 37.75 13.02 24.47
CA GLN C 141 38.95 12.17 24.62
C GLN C 141 39.49 11.62 23.23
N THR C 142 39.08 10.42 22.66
CA THR C 142 38.13 9.39 23.08
C THR C 142 38.87 8.15 23.61
N ASN C 143 38.79 7.94 24.94
CA ASN C 143 39.36 6.86 25.75
C ASN C 143 40.88 6.69 25.56
N VAL C 144 41.67 7.05 26.60
CA VAL C 144 43.12 6.90 26.60
C VAL C 144 43.39 5.40 26.84
N SER C 145 43.62 4.66 25.73
CA SER C 145 43.84 3.21 25.61
C SER C 145 42.55 2.42 25.87
N GLN C 146 42.11 1.64 24.86
CA GLN C 146 40.91 0.79 24.93
C GLN C 146 41.29 -0.66 24.59
N SER C 147 41.07 -1.59 25.56
CA SER C 147 41.37 -3.03 25.54
C SER C 147 42.88 -3.24 25.25
N LYS C 148 43.72 -2.94 26.27
CA LYS C 148 45.18 -3.03 26.21
C LYS C 148 45.68 -4.48 26.30
N ASP C 149 45.21 -5.25 27.32
CA ASP C 149 45.60 -6.64 27.53
C ASP C 149 44.51 -7.59 27.01
N SER C 150 44.90 -8.85 26.74
CA SER C 150 44.01 -9.90 26.24
C SER C 150 42.91 -10.31 27.23
N ASP C 151 43.23 -10.28 28.55
CA ASP C 151 42.28 -10.66 29.60
C ASP C 151 41.56 -9.43 30.21
N VAL C 152 41.96 -8.21 29.82
CA VAL C 152 41.36 -6.95 30.30
C VAL C 152 40.29 -6.50 29.28
N TYR C 153 39.06 -6.26 29.78
CA TYR C 153 37.92 -5.83 28.97
C TYR C 153 37.52 -4.40 29.32
N ILE C 154 37.48 -3.51 28.32
CA ILE C 154 37.09 -2.10 28.50
C ILE C 154 35.86 -1.82 27.63
N THR C 155 34.77 -1.32 28.25
CA THR C 155 33.51 -1.01 27.59
C THR C 155 33.54 0.38 26.92
N ASP C 156 32.52 0.65 26.07
CA ASP C 156 32.34 1.92 25.37
C ASP C 156 31.93 3.02 26.34
N LYS C 157 32.09 4.29 25.93
CA LYS C 157 31.73 5.46 26.75
C LYS C 157 30.21 5.58 26.89
N CYS C 158 29.74 5.76 28.13
CA CYS C 158 28.33 5.90 28.47
C CYS C 158 28.06 7.31 29.00
N VAL C 159 27.04 7.98 28.44
CA VAL C 159 26.67 9.35 28.81
C VAL C 159 25.55 9.33 29.87
N LEU C 160 25.93 9.66 31.13
CA LEU C 160 25.02 9.70 32.29
C LEU C 160 24.29 11.02 32.41
N ASP C 161 23.05 10.96 32.91
CA ASP C 161 22.16 12.10 33.14
C ASP C 161 21.37 11.85 34.43
N MET C 162 21.73 12.57 35.50
CA MET C 162 21.11 12.44 36.83
C MET C 162 19.70 13.06 36.88
N ARG C 163 19.27 13.76 35.79
CA ARG C 163 17.95 14.39 35.57
C ARG C 163 17.57 15.36 36.71
N SER C 164 17.19 14.82 37.90
CA SER C 164 16.79 15.54 39.11
C SER C 164 17.91 16.46 39.63
N MET C 165 19.18 16.06 39.44
CA MET C 165 20.35 16.83 39.85
C MET C 165 20.93 17.64 38.69
N ASP C 166 20.62 17.23 37.43
CA ASP C 166 21.07 17.82 36.16
C ASP C 166 22.62 17.80 36.10
N PHE C 167 23.17 16.58 35.97
CA PHE C 167 24.60 16.33 35.92
C PHE C 167 24.93 15.37 34.77
N LYS C 168 25.80 15.80 33.85
CA LYS C 168 26.24 15.01 32.69
C LYS C 168 27.66 14.50 32.91
N SER C 169 27.83 13.16 32.88
CA SER C 169 29.12 12.53 33.10
C SER C 169 29.35 11.38 32.11
N ASN C 170 30.53 11.36 31.47
CA ASN C 170 30.94 10.31 30.54
C ASN C 170 31.75 9.27 31.30
N SER C 171 31.39 7.97 31.18
CA SER C 171 32.08 6.92 31.91
C SER C 171 32.32 5.64 31.11
N ALA C 172 33.34 4.87 31.52
CA ALA C 172 33.73 3.59 30.93
C ALA C 172 34.16 2.61 32.03
N VAL C 173 33.74 1.34 31.90
CA VAL C 173 34.02 0.28 32.89
C VAL C 173 35.14 -0.62 32.35
N ALA C 174 36.06 -1.04 33.25
CA ALA C 174 37.18 -1.93 32.94
C ALA C 174 37.30 -3.05 33.96
N TRP C 175 37.55 -4.30 33.50
CA TRP C 175 37.71 -5.46 34.37
C TRP C 175 38.59 -6.56 33.75
N SER C 176 39.17 -7.42 34.61
CA SER C 176 40.00 -8.57 34.25
C SER C 176 39.59 -9.77 35.09
N ASN C 177 39.24 -10.88 34.42
CA ASN C 177 38.80 -12.14 35.04
C ASN C 177 39.93 -12.83 35.84
N LYS C 178 41.20 -12.62 35.42
CA LYS C 178 42.36 -13.23 36.08
C LYS C 178 42.81 -12.42 37.31
N SER C 179 42.66 -13.06 38.50
CA SER C 179 42.98 -12.64 39.87
C SER C 179 43.28 -11.13 40.05
N ASP C 180 44.52 -10.76 40.44
CA ASP C 180 44.93 -9.37 40.69
C ASP C 180 45.26 -8.62 39.41
N PHE C 181 44.73 -7.39 39.29
CA PHE C 181 44.89 -6.49 38.16
C PHE C 181 44.75 -5.04 38.63
N ALA C 182 45.72 -4.18 38.23
CA ALA C 182 45.76 -2.76 38.60
C ALA C 182 44.94 -1.90 37.65
N CYS C 183 44.32 -0.83 38.18
CA CYS C 183 43.49 0.11 37.41
C CYS C 183 44.36 1.01 36.49
N ALA C 184 45.69 1.05 36.73
CA ALA C 184 46.65 1.82 35.93
C ALA C 184 46.71 1.31 34.49
N ASN C 185 46.54 -0.02 34.28
CA ASN C 185 46.53 -0.66 32.97
C ASN C 185 45.11 -0.99 32.54
N ALA D 2 3.38 3.45 23.04
CA ALA D 2 3.33 2.16 22.35
C ALA D 2 1.91 1.57 22.34
N GLY D 3 1.28 1.60 21.16
CA GLY D 3 -0.07 1.09 20.93
C GLY D 3 -0.10 -0.20 20.12
N VAL D 4 1.09 -0.71 19.74
CA VAL D 4 1.27 -1.95 18.97
C VAL D 4 2.08 -2.91 19.85
N THR D 5 1.52 -4.11 20.10
CA THR D 5 2.11 -5.16 20.93
C THR D 5 2.76 -6.24 20.07
N GLN D 6 3.94 -6.73 20.50
CA GLN D 6 4.66 -7.80 19.81
C GLN D 6 5.02 -8.92 20.80
N THR D 7 4.64 -10.16 20.46
CA THR D 7 4.87 -11.34 21.30
C THR D 7 5.53 -12.45 20.46
N PRO D 8 6.71 -12.99 20.86
CA PRO D 8 7.51 -12.65 22.06
C PRO D 8 8.40 -11.43 21.84
N LYS D 9 9.29 -11.15 22.81
CA LYS D 9 10.25 -10.04 22.75
C LYS D 9 11.58 -10.59 22.23
N PHE D 10 11.91 -11.83 22.64
CA PHE D 10 13.12 -12.57 22.28
C PHE D 10 12.80 -14.05 22.12
N ARG D 11 13.50 -14.76 21.22
CA ARG D 11 13.30 -16.19 20.99
C ARG D 11 14.57 -16.85 20.43
N VAL D 12 14.92 -18.03 20.99
CA VAL D 12 16.06 -18.86 20.59
C VAL D 12 15.49 -20.16 20.01
N LEU D 13 15.94 -20.54 18.80
CA LEU D 13 15.44 -21.76 18.14
C LEU D 13 16.56 -22.65 17.60
N LYS D 14 16.23 -23.93 17.38
CA LYS D 14 17.11 -24.92 16.77
C LYS D 14 16.78 -24.99 15.29
N THR D 15 17.79 -25.18 14.43
CA THR D 15 17.61 -25.25 12.97
C THR D 15 16.63 -26.41 12.66
N GLY D 16 15.42 -26.03 12.27
CA GLY D 16 14.36 -26.98 11.94
C GLY D 16 13.08 -26.77 12.73
N GLN D 17 13.17 -26.04 13.87
CA GLN D 17 12.03 -25.75 14.75
C GLN D 17 11.07 -24.75 14.11
N SER D 18 9.84 -24.67 14.65
CA SER D 18 8.81 -23.75 14.18
C SER D 18 8.40 -22.78 15.27
N MET D 19 8.02 -21.55 14.88
CA MET D 19 7.58 -20.51 15.81
C MET D 19 6.56 -19.57 15.12
N THR D 20 5.80 -18.83 15.94
CA THR D 20 4.80 -17.88 15.44
C THR D 20 4.89 -16.57 16.23
N LEU D 21 5.09 -15.47 15.50
CA LEU D 21 5.18 -14.10 16.02
C LEU D 21 3.82 -13.43 15.95
N LEU D 22 3.35 -12.86 17.09
CA LEU D 22 2.06 -12.19 17.16
C LEU D 22 2.20 -10.68 17.22
N CYS D 23 1.47 -9.97 16.35
CA CYS D 23 1.41 -8.52 16.28
C CYS D 23 -0.02 -8.10 16.61
N ALA D 24 -0.21 -7.42 17.76
CA ALA D 24 -1.52 -6.96 18.20
C ALA D 24 -1.59 -5.44 18.20
N GLN D 25 -2.66 -4.88 17.63
CA GLN D 25 -2.88 -3.44 17.54
C GLN D 25 -4.31 -3.14 17.99
N ASP D 26 -4.51 -2.11 18.82
CA ASP D 26 -5.83 -1.73 19.31
C ASP D 26 -6.16 -0.28 18.92
N MET D 27 -5.91 0.04 17.64
CA MET D 27 -6.11 1.37 17.06
C MET D 27 -7.15 1.36 15.94
N ASN D 28 -7.66 0.14 15.60
CA ASN D 28 -8.62 -0.15 14.53
C ASN D 28 -8.00 0.23 13.16
N HIS D 29 -6.72 -0.16 12.96
CA HIS D 29 -5.95 0.07 11.74
C HIS D 29 -6.19 -1.05 10.75
N GLU D 30 -6.45 -0.67 9.49
CA GLU D 30 -6.76 -1.60 8.40
C GLU D 30 -5.48 -2.26 7.86
N TYR D 31 -4.40 -1.48 7.64
CA TYR D 31 -3.14 -1.98 7.09
C TYR D 31 -2.15 -2.38 8.17
N MET D 32 -1.61 -3.61 8.06
CA MET D 32 -0.60 -4.17 8.97
C MET D 32 0.56 -4.74 8.18
N TYR D 33 1.78 -4.63 8.73
CA TYR D 33 3.03 -5.04 8.05
C TYR D 33 3.94 -5.85 8.96
N TRP D 34 4.84 -6.67 8.37
CA TRP D 34 5.86 -7.45 9.05
C TRP D 34 7.21 -7.21 8.36
N TYR D 35 8.16 -6.61 9.10
CA TYR D 35 9.50 -6.28 8.61
C TYR D 35 10.59 -7.07 9.31
N ARG D 36 11.82 -7.08 8.73
CA ARG D 36 13.00 -7.70 9.35
C ARG D 36 14.21 -6.78 9.14
N GLN D 37 14.88 -6.42 10.24
CA GLN D 37 16.01 -5.51 10.21
C GLN D 37 17.33 -6.27 10.38
N ASP D 38 18.22 -6.09 9.39
CA ASP D 38 19.56 -6.69 9.33
C ASP D 38 20.60 -5.56 9.20
N PRO D 39 21.88 -5.72 9.63
CA PRO D 39 22.85 -4.62 9.52
C PRO D 39 22.94 -4.03 8.10
N GLY D 40 22.37 -2.83 7.98
CA GLY D 40 22.24 -1.96 6.80
C GLY D 40 22.79 -2.43 5.47
N MET D 41 21.99 -3.10 4.59
CA MET D 41 20.60 -3.57 4.66
C MET D 41 19.61 -2.51 5.21
N GLY D 42 18.86 -2.86 6.25
CA GLY D 42 17.84 -2.01 6.86
C GLY D 42 16.52 -2.75 6.99
N LEU D 43 15.40 -2.02 6.93
CA LEU D 43 14.07 -2.63 7.05
C LEU D 43 13.63 -3.24 5.72
N ARG D 44 13.37 -4.55 5.72
CA ARG D 44 12.90 -5.29 4.56
C ARG D 44 11.52 -5.86 4.86
N LEU D 45 10.52 -5.57 4.01
CA LEU D 45 9.15 -6.04 4.17
C LEU D 45 9.06 -7.53 3.84
N ILE D 46 8.47 -8.32 4.74
CA ILE D 46 8.31 -9.76 4.57
C ILE D 46 6.93 -10.03 3.94
N HIS D 47 5.87 -9.55 4.61
CA HIS D 47 4.48 -9.66 4.21
C HIS D 47 3.66 -8.49 4.73
N TYR D 48 2.49 -8.23 4.13
CA TYR D 48 1.61 -7.15 4.54
C TYR D 48 0.15 -7.51 4.32
N SER D 49 -0.74 -6.97 5.17
CA SER D 49 -2.17 -7.22 5.08
C SER D 49 -2.92 -5.90 5.00
N VAL D 50 -3.74 -5.74 3.94
CA VAL D 50 -4.54 -4.53 3.69
C VAL D 50 -5.95 -4.65 4.28
N GLY D 51 -6.30 -5.84 4.76
CA GLY D 51 -7.60 -6.12 5.36
C GLY D 51 -7.59 -7.35 6.25
N GLU D 52 -8.75 -7.66 6.85
CA GLU D 52 -8.95 -8.79 7.75
C GLU D 52 -8.75 -10.13 7.02
N GLY D 53 -9.26 -10.24 5.79
CA GLY D 53 -9.15 -11.47 5.01
C GLY D 53 -7.87 -11.65 4.23
N THR D 54 -7.55 -10.67 3.36
CA THR D 54 -6.39 -10.67 2.45
C THR D 54 -5.04 -10.48 3.16
N THR D 55 -3.96 -10.96 2.51
CA THR D 55 -2.56 -10.88 2.91
C THR D 55 -1.70 -10.96 1.63
N ALA D 56 -0.60 -10.17 1.55
CA ALA D 56 0.27 -10.12 0.36
C ALA D 56 1.75 -10.15 0.71
N LYS D 57 2.56 -10.66 -0.24
CA LYS D 57 4.03 -10.84 -0.14
C LYS D 57 4.81 -9.53 -0.30
N GLY D 58 5.87 -9.39 0.49
CA GLY D 58 6.78 -8.25 0.45
C GLY D 58 8.05 -8.58 -0.31
N GLU D 59 9.17 -7.94 0.07
CA GLU D 59 10.50 -8.12 -0.55
C GLU D 59 11.01 -9.55 -0.38
N VAL D 60 11.10 -10.04 0.87
CA VAL D 60 11.61 -11.37 1.21
C VAL D 60 10.49 -12.22 1.89
N PRO D 61 9.59 -12.85 1.10
CA PRO D 61 8.51 -13.65 1.71
C PRO D 61 8.86 -15.12 1.96
N ASP D 62 10.10 -15.53 1.63
CA ASP D 62 10.57 -16.91 1.80
C ASP D 62 11.44 -17.03 3.07
N GLY D 63 11.17 -17.98 3.95
CA GLY D 63 10.06 -18.93 3.86
C GLY D 63 9.13 -18.68 5.03
N TYR D 64 8.44 -17.53 4.99
CA TYR D 64 7.53 -17.08 6.04
C TYR D 64 6.07 -17.24 5.63
N ASN D 65 5.22 -17.56 6.62
CA ASN D 65 3.78 -17.73 6.47
C ASN D 65 3.07 -16.67 7.28
N VAL D 66 2.01 -16.09 6.75
CA VAL D 66 1.26 -15.06 7.46
C VAL D 66 -0.22 -15.34 7.47
N SER D 67 -0.92 -14.83 8.49
CA SER D 67 -2.35 -14.99 8.66
C SER D 67 -2.96 -13.78 9.35
N ARG D 68 -4.13 -13.37 8.85
CA ARG D 68 -4.95 -12.30 9.39
C ARG D 68 -6.37 -12.86 9.48
N LEU D 69 -6.87 -13.03 10.70
CA LEU D 69 -8.22 -13.56 10.96
C LEU D 69 -9.04 -12.50 11.65
N LYS D 70 -8.35 -11.58 12.36
CA LYS D 70 -8.91 -10.44 13.07
C LYS D 70 -8.18 -9.18 12.65
N LYS D 71 -8.91 -8.07 12.48
CA LYS D 71 -8.40 -6.76 12.09
C LYS D 71 -7.33 -6.23 13.07
N GLN D 72 -7.30 -6.76 14.31
CA GLN D 72 -6.36 -6.32 15.33
C GLN D 72 -5.10 -7.21 15.43
N ASN D 73 -5.12 -8.41 14.82
CA ASN D 73 -3.97 -9.32 14.90
C ASN D 73 -3.43 -9.77 13.52
N PHE D 74 -2.10 -9.64 13.34
CA PHE D 74 -1.37 -10.07 12.16
C PHE D 74 -0.26 -11.02 12.61
N LEU D 75 -0.37 -12.29 12.23
CA LEU D 75 0.55 -13.35 12.68
C LEU D 75 1.57 -13.77 11.62
N LEU D 76 2.84 -13.75 12.02
CA LEU D 76 3.96 -14.20 11.19
C LEU D 76 4.37 -15.58 11.70
N GLY D 77 4.64 -16.50 10.79
CA GLY D 77 5.01 -17.86 11.17
C GLY D 77 6.14 -18.50 10.41
N LEU D 78 7.12 -19.00 11.16
CA LEU D 78 8.28 -19.76 10.67
C LEU D 78 7.97 -21.23 10.87
N GLU D 79 7.99 -22.05 9.80
CA GLU D 79 7.64 -23.48 9.94
C GLU D 79 8.89 -24.36 10.07
N SER D 80 10.03 -23.95 9.46
CA SER D 80 11.31 -24.65 9.55
C SER D 80 12.43 -23.61 9.60
N ALA D 81 12.79 -23.19 10.82
CA ALA D 81 13.79 -22.17 11.11
C ALA D 81 15.15 -22.50 10.50
N ALA D 82 15.83 -21.46 9.99
CA ALA D 82 17.16 -21.52 9.37
C ALA D 82 18.04 -20.40 9.92
N PRO D 83 19.39 -20.57 9.99
CA PRO D 83 20.24 -19.50 10.55
C PRO D 83 20.18 -18.17 9.79
N SER D 84 19.63 -18.17 8.55
CA SER D 84 19.47 -16.96 7.73
C SER D 84 18.37 -16.06 8.30
N GLN D 85 17.35 -16.69 8.92
CA GLN D 85 16.18 -16.02 9.52
C GLN D 85 16.53 -15.38 10.89
N THR D 86 17.82 -15.39 11.28
CA THR D 86 18.32 -14.73 12.50
C THR D 86 18.30 -13.24 12.20
N SER D 87 17.26 -12.54 12.68
CA SER D 87 17.03 -11.11 12.43
C SER D 87 16.17 -10.48 13.51
N VAL D 88 16.07 -9.14 13.52
CA VAL D 88 15.21 -8.41 14.45
C VAL D 88 13.92 -8.10 13.67
N TYR D 89 12.82 -8.72 14.09
CA TYR D 89 11.52 -8.60 13.45
C TYR D 89 10.68 -7.49 14.05
N PHE D 90 10.20 -6.58 13.19
CA PHE D 90 9.36 -5.46 13.57
C PHE D 90 8.06 -5.50 12.82
N CYS D 91 6.94 -5.37 13.55
CA CYS D 91 5.65 -5.31 12.91
C CYS D 91 5.14 -3.88 13.01
N ALA D 92 4.31 -3.45 12.05
CA ALA D 92 3.80 -2.08 12.03
C ALA D 92 2.37 -2.02 11.53
N SER D 93 1.64 -0.97 11.92
CA SER D 93 0.27 -0.76 11.49
C SER D 93 -0.01 0.70 11.17
N SER D 94 -0.87 0.94 10.17
CA SER D 94 -1.29 2.27 9.75
C SER D 94 -2.76 2.24 9.28
N PRO D 95 -3.53 3.35 9.41
CA PRO D 95 -4.93 3.31 8.96
C PRO D 95 -5.07 3.45 7.45
N ARG D 96 -6.24 3.01 6.94
CA ARG D 96 -6.64 3.07 5.52
C ARG D 96 -6.76 4.52 5.03
N LEU D 97 -7.15 5.43 5.92
CA LEU D 97 -7.31 6.83 5.60
C LEU D 97 -6.51 7.69 6.59
N ALA D 98 -5.75 8.66 6.05
CA ALA D 98 -4.90 9.60 6.77
C ALA D 98 -3.88 8.88 7.68
N GLY D 99 -2.92 8.23 7.04
CA GLY D 99 -1.84 7.51 7.69
C GLY D 99 -0.95 6.87 6.66
N ASP D 100 0.19 7.49 6.23
CA ASP D 100 0.88 8.75 6.59
C ASP D 100 1.76 8.58 7.84
N GLU D 101 1.56 7.51 8.62
CA GLU D 101 2.36 7.18 9.81
C GLU D 101 2.21 5.71 10.11
N GLN D 102 3.35 4.99 10.17
CA GLN D 102 3.39 3.58 10.51
C GLN D 102 3.78 3.44 11.97
N PHE D 103 2.93 2.73 12.74
CA PHE D 103 3.13 2.52 14.18
C PHE D 103 3.78 1.18 14.38
N PHE D 104 5.05 1.20 14.84
CA PHE D 104 5.86 0.00 15.03
C PHE D 104 5.75 -0.62 16.41
N GLY D 105 5.88 -1.95 16.44
CA GLY D 105 5.89 -2.74 17.66
C GLY D 105 7.28 -2.70 18.28
N PRO D 106 7.46 -3.12 19.56
CA PRO D 106 8.79 -3.05 20.19
C PRO D 106 9.90 -3.85 19.49
N GLY D 107 9.52 -4.93 18.80
CA GLY D 107 10.45 -5.79 18.07
C GLY D 107 10.73 -7.12 18.71
N THR D 108 11.11 -8.11 17.88
CA THR D 108 11.46 -9.46 18.34
C THR D 108 12.83 -9.85 17.82
N ARG D 109 13.76 -10.13 18.74
CA ARG D 109 15.11 -10.55 18.41
C ARG D 109 15.14 -12.07 18.38
N LEU D 110 15.27 -12.64 17.17
CA LEU D 110 15.30 -14.09 16.95
C LEU D 110 16.71 -14.56 16.59
N THR D 111 17.14 -15.70 17.17
CA THR D 111 18.45 -16.30 16.92
C THR D 111 18.27 -17.81 16.69
N VAL D 112 18.57 -18.27 15.46
CA VAL D 112 18.45 -19.67 15.07
C VAL D 112 19.85 -20.30 15.09
N LEU D 113 20.07 -21.23 16.02
CA LEU D 113 21.36 -21.91 16.18
C LEU D 113 21.23 -23.38 15.76
N GLU D 114 22.36 -24.01 15.33
CA GLU D 114 22.40 -25.40 14.89
C GLU D 114 22.16 -26.35 16.09
N ASP D 115 22.75 -26.04 17.25
CA ASP D 115 22.58 -26.77 18.50
C ASP D 115 22.54 -25.78 19.68
N LEU D 116 21.54 -25.95 20.54
CA LEU D 116 21.24 -25.10 21.70
C LEU D 116 22.25 -25.28 22.86
N LYS D 117 23.39 -25.96 22.62
CA LYS D 117 24.42 -26.25 23.61
C LYS D 117 25.33 -25.02 23.87
N ASN D 118 25.25 -23.98 23.01
CA ASN D 118 26.03 -22.75 23.11
C ASN D 118 25.36 -21.68 23.99
N VAL D 119 24.10 -21.93 24.41
CA VAL D 119 23.28 -21.02 25.23
C VAL D 119 23.81 -20.99 26.67
N PHE D 120 23.98 -19.77 27.24
CA PHE D 120 24.47 -19.57 28.59
C PHE D 120 23.75 -18.42 29.30
N PRO D 121 23.35 -18.58 30.58
CA PRO D 121 22.72 -17.47 31.31
C PRO D 121 23.78 -16.46 31.79
N PRO D 122 23.42 -15.20 32.15
CA PRO D 122 24.46 -14.25 32.58
C PRO D 122 24.89 -14.44 34.04
N GLU D 123 26.08 -13.91 34.36
CA GLU D 123 26.65 -13.92 35.71
C GLU D 123 26.67 -12.46 36.16
N VAL D 124 25.79 -12.12 37.11
CA VAL D 124 25.60 -10.74 37.58
C VAL D 124 26.26 -10.49 38.94
N ALA D 125 26.88 -9.31 39.08
CA ALA D 125 27.56 -8.82 40.28
C ALA D 125 27.49 -7.29 40.37
N VAL D 126 27.14 -6.76 41.56
CA VAL D 126 27.06 -5.32 41.82
C VAL D 126 28.33 -4.90 42.53
N PHE D 127 28.98 -3.85 42.01
CA PHE D 127 30.23 -3.32 42.56
C PHE D 127 29.94 -2.01 43.29
N GLU D 128 30.27 -1.99 44.60
CA GLU D 128 30.05 -0.86 45.51
C GLU D 128 30.94 0.34 45.15
N PRO D 129 30.40 1.57 45.18
CA PRO D 129 31.19 2.76 44.81
C PRO D 129 32.45 3.00 45.65
N SER D 130 33.47 3.59 45.00
CA SER D 130 34.76 3.94 45.60
C SER D 130 34.58 5.16 46.51
N GLU D 131 35.16 5.11 47.73
CA GLU D 131 35.12 6.19 48.72
C GLU D 131 35.86 7.43 48.18
N ALA D 132 36.76 7.22 47.20
CA ALA D 132 37.54 8.25 46.51
C ALA D 132 36.61 9.16 45.68
N GLU D 133 35.58 8.58 45.04
CA GLU D 133 34.59 9.29 44.23
C GLU D 133 33.68 10.14 45.12
N ILE D 134 33.26 9.57 46.27
CA ILE D 134 32.38 10.20 47.26
C ILE D 134 33.10 11.42 47.89
N SER D 135 34.39 11.28 48.22
CA SER D 135 35.20 12.34 48.81
C SER D 135 35.53 13.46 47.80
N HIS D 136 35.50 13.15 46.48
CA HIS D 136 35.80 14.09 45.41
C HIS D 136 34.54 14.78 44.87
N THR D 137 33.67 14.02 44.16
CA THR D 137 32.47 14.53 43.48
C THR D 137 31.23 14.68 44.38
N GLN D 138 31.22 14.04 45.58
CA GLN D 138 30.09 14.01 46.52
C GLN D 138 28.89 13.26 45.89
N LYS D 139 29.21 12.30 44.99
CA LYS D 139 28.29 11.46 44.24
C LYS D 139 28.89 10.06 44.17
N ALA D 140 28.04 9.04 44.38
CA ALA D 140 28.45 7.63 44.36
C ALA D 140 27.87 6.91 43.14
N THR D 141 28.70 6.14 42.43
CA THR D 141 28.29 5.41 41.23
C THR D 141 28.41 3.90 41.46
N LEU D 142 27.28 3.19 41.32
CA LEU D 142 27.20 1.74 41.43
C LEU D 142 27.35 1.10 40.06
N VAL D 143 28.07 -0.03 39.96
CA VAL D 143 28.30 -0.67 38.66
C VAL D 143 27.80 -2.13 38.65
N CYS D 144 26.86 -2.42 37.74
CA CYS D 144 26.29 -3.74 37.46
C CYS D 144 27.12 -4.38 36.35
N LEU D 145 27.26 -5.71 36.36
CA LEU D 145 28.06 -6.39 35.35
C LEU D 145 27.52 -7.80 35.06
N ALA D 146 26.96 -7.99 33.85
CA ALA D 146 26.41 -9.25 33.38
C ALA D 146 27.40 -9.88 32.40
N THR D 147 28.02 -11.01 32.79
CA THR D 147 29.06 -11.67 31.97
C THR D 147 28.67 -13.09 31.54
N GLY D 148 29.34 -13.57 30.50
CA GLY D 148 29.21 -14.90 29.92
C GLY D 148 27.82 -15.34 29.54
N PHE D 149 27.10 -14.51 28.77
CA PHE D 149 25.75 -14.86 28.33
C PHE D 149 25.67 -15.02 26.82
N TYR D 150 24.90 -16.02 26.37
CA TYR D 150 24.69 -16.29 24.95
C TYR D 150 23.27 -16.79 24.72
N PRO D 151 22.49 -16.20 23.78
CA PRO D 151 22.83 -15.07 22.89
C PRO D 151 22.66 -13.73 23.60
N ASP D 152 22.64 -12.62 22.82
CA ASP D 152 22.46 -11.26 23.34
C ASP D 152 20.97 -10.97 23.60
N HIS D 153 20.34 -11.81 24.45
CA HIS D 153 18.93 -11.72 24.81
C HIS D 153 18.78 -11.34 26.28
N VAL D 154 19.23 -10.13 26.64
CA VAL D 154 19.16 -9.66 28.03
C VAL D 154 18.39 -8.33 28.15
N GLU D 155 17.92 -8.05 29.38
CA GLU D 155 17.20 -6.83 29.75
C GLU D 155 17.70 -6.41 31.13
N LEU D 156 18.67 -5.47 31.17
CA LEU D 156 19.24 -4.97 32.42
C LEU D 156 18.39 -3.84 32.98
N SER D 157 18.02 -3.95 34.27
CA SER D 157 17.20 -2.96 34.97
C SER D 157 17.67 -2.75 36.41
N TRP D 158 17.75 -1.48 36.84
CA TRP D 158 18.14 -1.12 38.20
C TRP D 158 16.89 -0.91 39.07
N TRP D 159 16.93 -1.44 40.30
CA TRP D 159 15.84 -1.37 41.26
C TRP D 159 16.34 -0.84 42.59
N VAL D 160 15.80 0.32 43.01
CA VAL D 160 16.17 0.99 44.26
C VAL D 160 14.95 0.99 45.20
N ASN D 161 15.08 0.27 46.33
CA ASN D 161 14.08 0.10 47.39
C ASN D 161 12.79 -0.53 46.81
N GLY D 162 12.98 -1.59 46.01
CA GLY D 162 11.89 -2.33 45.38
C GLY D 162 11.15 -1.60 44.28
N LYS D 163 11.74 -0.52 43.74
CA LYS D 163 11.15 0.28 42.67
C LYS D 163 12.17 0.51 41.56
N GLU D 164 11.74 0.36 40.29
CA GLU D 164 12.59 0.51 39.11
C GLU D 164 12.95 1.97 38.88
N VAL D 165 14.25 2.25 38.73
CA VAL D 165 14.78 3.60 38.53
C VAL D 165 15.36 3.77 37.11
N HIS D 166 15.26 4.99 36.59
CA HIS D 166 15.75 5.35 35.25
C HIS D 166 16.71 6.53 35.31
N SER D 167 16.48 7.46 36.28
CA SER D 167 17.31 8.65 36.49
C SER D 167 18.71 8.24 36.97
N GLY D 168 19.73 8.71 36.26
CA GLY D 168 21.13 8.41 36.56
C GLY D 168 21.55 6.99 36.22
N VAL D 169 20.83 6.35 35.28
CA VAL D 169 21.11 4.97 34.84
C VAL D 169 21.71 5.00 33.43
N CYS D 170 22.85 4.32 33.24
CA CYS D 170 23.54 4.24 31.95
C CYS D 170 23.99 2.82 31.66
N THR D 171 23.17 2.07 30.91
CA THR D 171 23.47 0.70 30.48
C THR D 171 24.12 0.78 29.09
N ASP D 172 25.17 -0.03 28.84
CA ASP D 172 25.89 -0.07 27.57
C ASP D 172 24.94 -0.28 26.39
N PRO D 173 24.95 0.61 25.37
CA PRO D 173 24.05 0.42 24.22
C PRO D 173 24.47 -0.79 23.38
N GLN D 174 25.80 -1.05 23.29
CA GLN D 174 26.36 -2.17 22.55
C GLN D 174 27.02 -3.17 23.52
N PRO D 175 26.45 -4.38 23.68
CA PRO D 175 27.03 -5.37 24.61
C PRO D 175 28.35 -5.93 24.09
N LEU D 176 29.39 -5.88 24.95
CA LEU D 176 30.76 -6.34 24.70
C LEU D 176 30.81 -7.86 24.42
N LYS D 177 31.80 -8.29 23.62
CA LYS D 177 32.02 -9.69 23.27
C LYS D 177 33.32 -10.15 23.94
N GLU D 178 33.26 -11.17 24.80
CA GLU D 178 34.40 -11.70 25.56
C GLU D 178 35.53 -12.22 24.65
N GLN D 179 35.18 -12.85 23.51
CA GLN D 179 36.15 -13.36 22.54
C GLN D 179 35.85 -12.73 21.16
N PRO D 180 36.50 -11.61 20.79
CA PRO D 180 36.21 -10.98 19.49
C PRO D 180 36.56 -11.85 18.27
N ALA D 181 37.56 -12.74 18.42
CA ALA D 181 38.03 -13.66 17.37
C ALA D 181 36.99 -14.74 17.05
N LEU D 182 36.33 -15.30 18.09
CA LEU D 182 35.31 -16.35 17.97
C LEU D 182 33.95 -15.80 17.53
N ASN D 183 33.14 -16.65 16.88
CA ASN D 183 31.78 -16.32 16.41
C ASN D 183 30.73 -16.70 17.47
N ASP D 184 30.90 -17.88 18.11
CA ASP D 184 30.01 -18.41 19.15
C ASP D 184 30.43 -17.92 20.56
N SER D 185 31.12 -16.76 20.62
CA SER D 185 31.61 -16.12 21.84
C SER D 185 30.48 -15.64 22.74
N ARG D 186 30.68 -15.78 24.07
CA ARG D 186 29.74 -15.32 25.08
C ARG D 186 29.86 -13.81 25.24
N TYR D 187 28.74 -13.13 25.50
CA TYR D 187 28.70 -11.67 25.61
C TYR D 187 28.85 -11.17 27.05
N ALA D 188 29.16 -9.86 27.18
CA ALA D 188 29.33 -9.13 28.43
C ALA D 188 28.61 -7.78 28.36
N LEU D 189 28.06 -7.31 29.49
CA LEU D 189 27.31 -6.04 29.56
C LEU D 189 27.49 -5.38 30.92
N SER D 190 27.65 -4.04 30.93
CA SER D 190 27.79 -3.27 32.15
C SER D 190 26.82 -2.08 32.19
N SER D 191 26.40 -1.70 33.40
CA SER D 191 25.49 -0.57 33.63
C SER D 191 25.97 0.25 34.82
N ARG D 192 25.59 1.53 34.85
CA ARG D 192 25.98 2.44 35.92
C ARG D 192 24.77 3.11 36.56
N LEU D 193 24.83 3.31 37.88
CA LEU D 193 23.80 4.02 38.64
C LEU D 193 24.48 5.03 39.54
N ARG D 194 24.36 6.33 39.19
CA ARG D 194 24.94 7.39 40.00
C ARG D 194 23.87 7.95 40.93
N VAL D 195 24.18 7.95 42.22
CA VAL D 195 23.33 8.44 43.32
C VAL D 195 24.13 9.46 44.14
N SER D 196 23.44 10.28 44.95
CA SER D 196 24.11 11.25 45.82
C SER D 196 24.83 10.50 46.95
N ALA D 197 25.96 11.05 47.43
CA ALA D 197 26.77 10.45 48.49
C ALA D 197 25.93 10.13 49.74
N THR D 198 25.06 11.08 50.14
CA THR D 198 24.15 10.97 51.29
C THR D 198 23.14 9.81 51.10
N PHE D 199 22.71 9.55 49.84
CA PHE D 199 21.78 8.47 49.51
C PHE D 199 22.46 7.12 49.73
N TRP D 200 23.71 6.98 49.24
CA TRP D 200 24.50 5.76 49.42
C TRP D 200 24.89 5.60 50.90
N GLN D 201 25.09 6.73 51.62
CA GLN D 201 25.46 6.78 53.05
C GLN D 201 24.39 6.10 53.94
N ASN D 202 23.11 6.17 53.55
CA ASN D 202 21.99 5.55 54.28
C ASN D 202 22.08 4.02 54.18
N PRO D 203 22.19 3.29 55.32
CA PRO D 203 22.30 1.83 55.25
C PRO D 203 20.97 1.12 55.01
N ARG D 204 19.86 1.88 55.02
CA ARG D 204 18.50 1.36 54.79
C ARG D 204 18.18 1.31 53.30
N ASN D 205 18.94 2.05 52.47
CA ASN D 205 18.73 2.09 51.03
C ASN D 205 19.27 0.82 50.37
N HIS D 206 18.38 0.06 49.71
CA HIS D 206 18.67 -1.19 49.03
C HIS D 206 18.75 -0.97 47.52
N PHE D 207 19.86 -1.42 46.92
CA PHE D 207 20.15 -1.32 45.48
C PHE D 207 20.24 -2.70 44.87
N ARG D 208 19.62 -2.90 43.70
CA ARG D 208 19.63 -4.20 43.03
C ARG D 208 19.51 -4.05 41.51
N CYS D 209 20.47 -4.63 40.76
CA CYS D 209 20.39 -4.64 39.30
C CYS D 209 19.90 -6.03 38.88
N GLN D 210 18.86 -6.05 38.05
CA GLN D 210 18.16 -7.23 37.57
C GLN D 210 18.49 -7.47 36.09
N VAL D 211 18.85 -8.72 35.73
CA VAL D 211 19.15 -9.06 34.33
C VAL D 211 18.18 -10.17 33.86
N GLN D 212 17.18 -9.76 33.07
CA GLN D 212 16.17 -10.66 32.51
C GLN D 212 16.74 -11.32 31.25
N PHE D 213 17.14 -12.59 31.36
CA PHE D 213 17.70 -13.38 30.27
C PHE D 213 16.64 -14.22 29.59
N TYR D 214 16.76 -14.39 28.27
CA TYR D 214 15.85 -15.18 27.45
C TYR D 214 16.64 -16.32 26.80
N GLY D 215 16.29 -17.55 27.17
CA GLY D 215 16.99 -18.73 26.67
C GLY D 215 16.08 -19.83 26.19
N LEU D 216 16.31 -21.04 26.69
CA LEU D 216 15.57 -22.26 26.33
C LEU D 216 14.17 -22.28 26.92
N SER D 217 13.26 -22.97 26.19
CA SER D 217 11.86 -23.16 26.57
C SER D 217 11.70 -24.51 27.29
N GLU D 218 10.57 -24.71 27.98
CA GLU D 218 10.25 -25.95 28.71
C GLU D 218 10.17 -27.14 27.73
N ASN D 219 9.61 -26.90 26.53
CA ASN D 219 9.45 -27.88 25.44
C ASN D 219 10.82 -28.33 24.88
N ASP D 220 11.86 -27.47 24.94
CA ASP D 220 13.21 -27.77 24.48
C ASP D 220 13.87 -28.82 25.39
N GLU D 221 14.63 -29.76 24.79
CA GLU D 221 15.30 -30.83 25.53
C GLU D 221 16.75 -30.46 25.85
N TRP D 222 17.17 -30.77 27.10
CA TRP D 222 18.51 -30.50 27.61
C TRP D 222 19.12 -31.79 28.16
N THR D 223 20.23 -32.24 27.56
CA THR D 223 20.94 -33.47 27.95
C THR D 223 22.41 -33.10 28.23
N GLN D 224 22.63 -32.29 29.28
CA GLN D 224 23.95 -31.83 29.71
C GLN D 224 24.10 -31.91 31.24
N ASP D 225 25.35 -31.96 31.73
CA ASP D 225 25.65 -32.05 33.17
C ASP D 225 25.80 -30.63 33.81
N ARG D 226 24.93 -29.70 33.38
CA ARG D 226 24.86 -28.32 33.88
C ARG D 226 23.41 -27.83 33.76
N ALA D 227 23.02 -26.89 34.63
CA ALA D 227 21.66 -26.33 34.68
C ALA D 227 21.19 -25.81 33.31
N LYS D 228 19.93 -26.15 32.94
CA LYS D 228 19.29 -25.76 31.69
C LYS D 228 19.26 -24.22 31.58
N PRO D 229 19.78 -23.63 30.48
CA PRO D 229 19.79 -22.15 30.37
C PRO D 229 18.44 -21.63 29.87
N VAL D 230 17.44 -21.73 30.75
CA VAL D 230 16.06 -21.31 30.51
C VAL D 230 15.92 -19.80 30.67
N THR D 231 14.76 -19.25 30.23
CA THR D 231 14.39 -17.85 30.35
C THR D 231 14.25 -17.57 31.85
N GLN D 232 15.20 -16.84 32.42
CA GLN D 232 15.28 -16.56 33.85
C GLN D 232 15.71 -15.11 34.14
N ILE D 233 15.83 -14.78 35.44
CA ILE D 233 16.29 -13.51 35.96
C ILE D 233 17.47 -13.79 36.88
N VAL D 234 18.61 -13.13 36.63
CA VAL D 234 19.80 -13.27 37.48
C VAL D 234 20.00 -11.91 38.14
N SER D 235 19.91 -11.88 39.48
CA SER D 235 20.03 -10.65 40.26
C SER D 235 21.31 -10.58 41.07
N ALA D 236 21.64 -9.36 41.48
CA ALA D 236 22.76 -8.98 42.34
C ALA D 236 22.34 -7.75 43.11
N GLU D 237 22.46 -7.79 44.44
CA GLU D 237 22.01 -6.68 45.29
C GLU D 237 23.14 -6.12 46.15
N ALA D 238 22.90 -4.93 46.76
CA ALA D 238 23.82 -4.22 47.63
C ALA D 238 23.09 -3.23 48.51
N TRP D 239 23.53 -3.12 49.77
CA TRP D 239 22.99 -2.19 50.76
C TRP D 239 23.95 -1.01 50.91
N GLY D 240 23.41 0.13 51.32
CA GLY D 240 24.20 1.34 51.54
C GLY D 240 25.06 1.26 52.80
N ARG D 241 26.03 2.18 52.93
CA ARG D 241 26.93 2.25 54.09
C ARG D 241 27.42 3.67 54.35
N ALA D 242 27.43 4.07 55.64
CA ALA D 242 27.86 5.39 56.11
C ALA D 242 29.40 5.48 56.27
N ASP D 243 30.10 4.32 56.19
CA ASP D 243 31.55 4.21 56.31
C ASP D 243 32.12 3.19 55.32
#